data_1XXJ
#
_entry.id   1XXJ
#
_cell.length_a   126.245
_cell.length_b   142.265
_cell.length_c   81.322
_cell.angle_alpha   90.00
_cell.angle_beta   90.00
_cell.angle_gamma   90.00
#
_symmetry.space_group_name_H-M   'P 21 21 2'
#
loop_
_entity.id
_entity.type
_entity.pdbx_description
1 polymer Uricase
2 non-polymer 5-AMINO-6-NITROPYRIMIDINE-2,4(1H,3H)-DIONE
3 non-polymer BENZENE
4 water water
#
_entity_poly.entity_id   1
_entity_poly.type   'polypeptide(L)'
_entity_poly.pdbx_seq_one_letter_code
;(SAC)AVKAARYGKDNVRVYKVHKDEKTGVQTVYEMTVCVLLEGEIETSYTKADNSVIVATDSIKNTIYITAKQNPVTPP
ELFGSILGTHFIEKYNHIHAAHVNIVCHRWTRMDIDGKPHPHSFIRDSEEKRNVQVDVVEGKGIDIKSSLSGLTVLKSTN
SQFWGFLRDEYTTLKETWDRILSTDVDATWQWKNFSGLQEVRSHVPKFDATWATAREVTLKTFAEDNSASVQATMYKMAE
QILARQQLIETVEYSLPNKHYFEIDLSWHKGLQNTGKNAEVFAPQSDPNGLIKCTVGRSSLKSKL
;
_entity_poly.pdbx_strand_id   A,B,C,D
#
# COMPACT_ATOMS: atom_id res chain seq x y z
N ALA A 2 -10.01 22.02 28.54
CA ALA A 2 -8.65 21.81 29.01
C ALA A 2 -7.89 20.75 28.20
N VAL A 3 -6.62 20.55 28.58
CA VAL A 3 -5.75 19.60 27.90
C VAL A 3 -5.55 18.35 28.75
N LYS A 4 -6.32 17.32 28.43
CA LYS A 4 -6.26 16.06 29.17
C LYS A 4 -5.01 15.26 28.83
N ALA A 5 -4.67 15.21 27.54
CA ALA A 5 -3.45 14.53 27.10
C ALA A 5 -2.83 15.28 25.93
N ALA A 6 -1.51 15.16 25.81
CA ALA A 6 -0.77 15.80 24.73
C ALA A 6 0.60 15.11 24.59
N ARG A 7 0.93 14.74 23.35
CA ARG A 7 2.21 14.11 22.97
C ARG A 7 2.55 14.71 21.63
N TYR A 8 3.83 14.89 21.35
CA TYR A 8 4.22 15.42 20.06
C TYR A 8 5.64 14.93 19.74
N GLY A 9 5.91 14.70 18.47
CA GLY A 9 7.23 14.20 18.10
C GLY A 9 7.51 14.03 16.62
N LYS A 10 8.50 13.20 16.34
CA LYS A 10 8.91 12.95 14.99
C LYS A 10 8.61 11.50 14.70
N ASP A 11 8.09 11.25 13.49
CA ASP A 11 7.71 9.91 13.07
C ASP A 11 8.39 9.51 11.77
N ASN A 12 8.53 8.21 11.56
CA ASN A 12 9.12 7.72 10.31
C ASN A 12 10.50 8.32 10.11
N VAL A 13 11.39 8.05 11.04
CA VAL A 13 12.74 8.55 10.94
C VAL A 13 13.66 7.42 10.56
N ARG A 14 13.92 7.33 9.29
CA ARG A 14 14.73 6.25 8.81
C ARG A 14 16.17 6.41 9.23
N VAL A 15 16.73 5.34 9.74
CA VAL A 15 18.08 5.35 10.20
C VAL A 15 18.80 4.12 9.73
N TYR A 16 20.01 4.31 9.24
CA TYR A 16 20.84 3.19 8.86
C TYR A 16 22.24 3.37 9.45
N LYS A 17 22.72 2.33 10.12
CA LYS A 17 24.05 2.39 10.73
C LYS A 17 24.85 1.24 10.26
N VAL A 18 26.10 1.54 9.89
CA VAL A 18 27.02 0.48 9.45
C VAL A 18 28.10 0.28 10.51
N HIS A 19 28.53 -0.97 10.69
CA HIS A 19 29.59 -1.26 11.63
C HIS A 19 30.70 -1.87 10.84
N LYS A 20 31.88 -1.28 10.90
CA LYS A 20 33.00 -1.81 10.14
C LYS A 20 34.11 -2.45 11.02
N ASP A 21 34.38 -3.74 10.79
CA ASP A 21 35.41 -4.45 11.56
C ASP A 21 36.75 -4.44 10.87
N GLU A 22 37.63 -3.55 11.36
CA GLU A 22 38.99 -3.37 10.84
C GLU A 22 39.75 -4.67 10.72
N LYS A 23 39.66 -5.49 11.74
CA LYS A 23 40.35 -6.77 11.72
C LYS A 23 39.80 -7.65 10.60
N THR A 24 38.64 -8.27 10.87
CA THR A 24 37.96 -9.16 9.94
C THR A 24 37.68 -8.53 8.56
N GLY A 25 37.06 -7.37 8.58
CA GLY A 25 36.67 -6.66 7.35
C GLY A 25 35.11 -6.62 7.34
N VAL A 26 34.51 -7.72 7.79
CA VAL A 26 33.07 -7.87 7.89
C VAL A 26 32.34 -6.63 8.33
N GLN A 27 31.49 -6.13 7.45
CA GLN A 27 30.66 -4.99 7.73
C GLN A 27 29.28 -5.51 8.17
N THR A 28 28.54 -4.69 8.93
CA THR A 28 27.25 -5.12 9.44
C THR A 28 26.23 -3.99 9.50
N VAL A 29 25.20 -4.07 8.66
CA VAL A 29 24.19 -3.01 8.65
C VAL A 29 22.99 -3.21 9.54
N TYR A 30 22.41 -2.10 9.95
CA TYR A 30 21.18 -2.06 10.74
C TYR A 30 20.36 -0.96 10.11
N GLU A 31 19.06 -1.16 10.02
CA GLU A 31 18.18 -0.15 9.47
C GLU A 31 16.90 -0.20 10.20
N MET A 32 16.40 0.93 10.60
CA MET A 32 15.22 0.94 11.39
C MET A 32 14.40 2.19 11.12
N THR A 33 13.25 2.28 11.77
CA THR A 33 12.38 3.44 11.63
C THR A 33 11.94 3.87 13.01
N VAL A 34 12.39 5.03 13.45
CA VAL A 34 12.07 5.47 14.79
C VAL A 34 11.01 6.53 14.85
N CYS A 35 10.25 6.51 15.95
CA CYS A 35 9.21 7.49 16.20
C CYS A 35 9.41 7.77 17.66
N VAL A 36 9.39 9.05 18.02
CA VAL A 36 9.59 9.47 19.37
C VAL A 36 8.58 10.56 19.71
N LEU A 37 7.63 10.28 20.60
CA LEU A 37 6.65 11.28 21.00
C LEU A 37 6.96 11.68 22.44
N LEU A 38 6.93 12.98 22.71
CA LEU A 38 7.26 13.47 24.04
C LEU A 38 6.05 14.00 24.79
N GLU A 39 6.14 13.91 26.11
CA GLU A 39 5.09 14.38 27.01
C GLU A 39 5.74 15.16 28.13
N GLY A 40 5.13 16.27 28.51
CA GLY A 40 5.68 17.06 29.59
C GLY A 40 4.89 18.32 29.85
N GLU A 41 5.55 19.26 30.50
CA GLU A 41 4.93 20.52 30.80
C GLU A 41 4.91 21.34 29.53
N ILE A 42 3.96 21.02 28.64
CA ILE A 42 3.83 21.68 27.34
C ILE A 42 2.42 22.17 27.01
N GLU A 43 1.49 22.06 27.94
CA GLU A 43 0.09 22.49 27.73
C GLU A 43 0.00 23.86 27.06
N THR A 44 0.87 24.76 27.50
CA THR A 44 0.92 26.13 27.01
C THR A 44 1.01 26.27 25.50
N SER A 45 1.79 25.40 24.87
CA SER A 45 1.95 25.44 23.42
C SER A 45 0.63 25.28 22.70
N TYR A 46 -0.31 24.55 23.31
CA TYR A 46 -1.64 24.33 22.71
C TYR A 46 -2.63 25.46 23.03
N THR A 47 -2.61 25.89 24.30
CA THR A 47 -3.53 26.91 24.83
C THR A 47 -3.04 28.34 24.72
N LYS A 48 -1.76 28.53 25.05
CA LYS A 48 -1.20 29.88 25.01
C LYS A 48 -0.15 30.10 23.92
N ALA A 49 -0.26 29.32 22.83
CA ALA A 49 0.61 29.42 21.64
C ALA A 49 2.01 29.82 21.96
N ASP A 50 2.55 29.19 22.99
CA ASP A 50 3.87 29.50 23.49
C ASP A 50 4.85 28.39 23.14
N ASN A 51 5.55 28.54 22.02
CA ASN A 51 6.49 27.51 21.58
C ASN A 51 7.77 27.46 22.41
N SER A 52 7.83 28.19 23.51
CA SER A 52 9.05 28.18 24.33
C SER A 52 9.27 26.83 24.95
N VAL A 53 8.15 26.13 25.16
CA VAL A 53 8.14 24.81 25.78
C VAL A 53 8.43 23.70 24.77
N ILE A 54 8.22 24.02 23.49
CA ILE A 54 8.37 23.07 22.40
C ILE A 54 9.79 22.82 22.01
N VAL A 55 10.18 21.55 21.99
CA VAL A 55 11.49 21.14 21.49
C VAL A 55 11.25 20.64 20.05
N ALA A 56 11.41 21.55 19.07
CA ALA A 56 11.18 21.28 17.63
C ALA A 56 11.41 19.82 17.19
N THR A 57 10.37 19.23 16.60
CA THR A 57 10.41 17.84 16.16
C THR A 57 11.66 17.58 15.31
N ASP A 58 12.14 18.63 14.63
CA ASP A 58 13.36 18.58 13.85
C ASP A 58 14.54 18.20 14.76
N SER A 59 14.56 18.79 15.94
CA SER A 59 15.64 18.55 16.90
C SER A 59 15.58 17.13 17.45
N ILE A 60 14.38 16.60 17.52
CA ILE A 60 14.15 15.22 17.91
C ILE A 60 14.80 14.37 16.82
N LYS A 61 14.50 14.70 15.56
CA LYS A 61 15.08 13.96 14.42
C LYS A 61 16.62 13.98 14.54
N ASN A 62 17.19 15.19 14.66
CA ASN A 62 18.64 15.37 14.84
C ASN A 62 19.13 14.53 16.05
N THR A 63 18.43 14.67 17.18
CA THR A 63 18.77 13.93 18.38
C THR A 63 18.93 12.44 18.06
N ILE A 64 17.90 11.87 17.44
CA ILE A 64 17.90 10.46 17.03
C ILE A 64 19.17 10.11 16.28
N TYR A 65 19.50 10.89 15.25
CA TYR A 65 20.71 10.63 14.46
C TYR A 65 21.97 10.61 15.31
N ILE A 66 22.20 11.71 16.03
CA ILE A 66 23.37 11.81 16.92
C ILE A 66 23.41 10.61 17.85
N THR A 67 22.31 10.40 18.58
CA THR A 67 22.20 9.29 19.51
C THR A 67 22.62 8.00 18.89
N ALA A 68 22.06 7.67 17.73
CA ALA A 68 22.45 6.44 17.04
C ALA A 68 23.95 6.44 16.75
N LYS A 69 24.49 7.62 16.41
CA LYS A 69 25.92 7.71 16.08
C LYS A 69 26.84 7.59 17.29
N GLN A 70 26.36 8.00 18.47
CA GLN A 70 27.17 7.92 19.69
C GLN A 70 27.01 6.62 20.48
N ASN A 71 25.94 5.87 20.23
CA ASN A 71 25.68 4.64 20.94
C ASN A 71 25.54 3.43 20.03
N PRO A 72 25.38 2.25 20.60
CA PRO A 72 25.12 1.07 19.77
C PRO A 72 23.60 1.18 19.46
N VAL A 73 23.16 0.59 18.35
CA VAL A 73 21.74 0.72 17.97
C VAL A 73 20.95 -0.56 18.23
N THR A 74 21.68 -1.62 18.50
CA THR A 74 21.10 -2.89 18.81
C THR A 74 21.57 -3.27 20.25
N PRO A 75 20.72 -3.95 21.02
CA PRO A 75 19.38 -4.37 20.55
C PRO A 75 18.43 -3.20 20.78
N PRO A 76 17.41 -3.11 19.94
CA PRO A 76 16.43 -2.02 19.99
C PRO A 76 16.01 -1.56 21.39
N GLU A 77 15.82 -2.52 22.29
CA GLU A 77 15.43 -2.19 23.67
C GLU A 77 16.48 -1.30 24.36
N LEU A 78 17.75 -1.53 24.04
CA LEU A 78 18.80 -0.74 24.61
C LEU A 78 18.72 0.68 24.04
N PHE A 79 18.91 0.76 22.72
CA PHE A 79 18.85 2.04 22.03
C PHE A 79 17.62 2.89 22.41
N GLY A 80 16.43 2.35 22.22
CA GLY A 80 15.21 3.07 22.57
C GLY A 80 15.22 3.50 24.05
N SER A 81 15.94 2.73 24.88
CA SER A 81 16.07 3.04 26.31
C SER A 81 17.02 4.23 26.48
N ILE A 82 18.17 4.17 25.82
CA ILE A 82 19.10 5.30 25.85
C ILE A 82 18.42 6.57 25.31
N LEU A 83 17.70 6.40 24.21
CA LEU A 83 17.05 7.48 23.52
C LEU A 83 15.88 8.16 24.25
N GLY A 84 15.03 7.37 24.88
CA GLY A 84 13.91 7.92 25.63
C GLY A 84 14.44 8.56 26.91
N THR A 85 15.50 7.97 27.46
CA THR A 85 16.14 8.46 28.65
C THR A 85 16.60 9.91 28.42
N HIS A 86 17.50 10.04 27.47
CA HIS A 86 18.08 11.30 27.07
C HIS A 86 17.08 12.47 27.07
N PHE A 87 15.87 12.24 26.61
CA PHE A 87 14.88 13.34 26.55
C PHE A 87 14.30 13.75 27.90
N ILE A 88 14.25 12.82 28.86
CA ILE A 88 13.70 13.18 30.18
C ILE A 88 14.74 13.93 30.98
N GLU A 89 15.99 13.49 30.83
CA GLU A 89 17.14 14.09 31.52
C GLU A 89 17.49 15.46 30.95
N LYS A 90 17.85 15.50 29.68
CA LYS A 90 18.20 16.77 29.04
C LYS A 90 17.15 17.85 29.26
N TYR A 91 15.88 17.50 29.26
CA TYR A 91 14.87 18.51 29.43
C TYR A 91 14.05 18.39 30.69
N ASN A 92 14.14 19.41 31.52
CA ASN A 92 13.41 19.44 32.74
C ASN A 92 11.91 19.27 32.47
N HIS A 93 11.33 20.17 31.65
CA HIS A 93 9.86 20.13 31.34
C HIS A 93 9.28 18.90 30.60
N ILE A 94 10.15 17.98 30.19
CA ILE A 94 9.72 16.75 29.50
C ILE A 94 9.82 15.61 30.50
N HIS A 95 8.67 15.05 30.85
CA HIS A 95 8.59 13.99 31.87
C HIS A 95 8.20 12.58 31.39
N ALA A 96 8.15 12.40 30.06
CA ALA A 96 7.83 11.11 29.42
C ALA A 96 8.28 11.10 27.97
N ALA A 97 8.93 10.01 27.56
CA ALA A 97 9.40 9.85 26.20
C ALA A 97 8.97 8.49 25.69
N HIS A 98 8.08 8.49 24.69
CA HIS A 98 7.59 7.26 24.06
C HIS A 98 8.31 7.02 22.73
N VAL A 99 9.12 5.96 22.73
CA VAL A 99 9.97 5.60 21.60
C VAL A 99 9.56 4.33 20.91
N ASN A 100 9.26 4.44 19.61
CA ASN A 100 8.93 3.28 18.81
C ASN A 100 10.07 2.98 17.84
N ILE A 101 10.41 1.71 17.69
CA ILE A 101 11.44 1.32 16.74
C ILE A 101 11.05 0.08 15.93
N VAL A 102 11.12 0.19 14.61
CA VAL A 102 10.82 -0.92 13.75
C VAL A 102 12.11 -1.31 13.08
N CYS A 103 12.51 -2.55 13.28
CA CYS A 103 13.77 -3.04 12.74
C CYS A 103 13.55 -3.74 11.42
N HIS A 104 14.34 -3.34 10.42
CA HIS A 104 14.24 -3.89 9.07
C HIS A 104 15.28 -4.91 8.78
N ARG A 105 14.85 -6.02 8.22
CA ARG A 105 15.76 -7.10 7.89
C ARG A 105 16.78 -6.84 6.79
N TRP A 106 18.04 -6.89 7.18
CA TRP A 106 19.15 -6.82 6.24
C TRP A 106 19.92 -8.05 6.59
N THR A 107 19.63 -9.15 5.91
CA THR A 107 20.30 -10.42 6.18
C THR A 107 21.51 -10.63 5.28
N ARG A 108 22.65 -10.98 5.89
CA ARG A 108 23.88 -11.22 5.14
C ARG A 108 23.71 -12.26 4.05
N MET A 109 24.19 -11.95 2.89
CA MET A 109 24.09 -12.83 1.74
C MET A 109 25.07 -13.98 1.86
N ASP A 110 24.70 -15.14 1.33
CA ASP A 110 25.57 -16.30 1.29
C ASP A 110 25.92 -16.53 -0.17
N ILE A 111 27.14 -16.17 -0.53
CA ILE A 111 27.61 -16.30 -1.89
C ILE A 111 28.47 -17.53 -1.98
N ASP A 112 28.01 -18.53 -2.74
CA ASP A 112 28.74 -19.78 -2.84
C ASP A 112 28.93 -20.33 -1.41
N GLY A 113 27.84 -20.36 -0.65
CA GLY A 113 27.85 -20.89 0.73
C GLY A 113 28.69 -20.10 1.76
N LYS A 114 29.50 -19.15 1.30
CA LYS A 114 30.34 -18.37 2.22
C LYS A 114 29.82 -16.94 2.45
N PRO A 115 29.38 -16.69 3.69
CA PRO A 115 28.84 -15.38 4.10
C PRO A 115 29.70 -14.20 3.60
N HIS A 116 29.05 -13.28 2.90
CA HIS A 116 29.72 -12.11 2.35
C HIS A 116 29.94 -11.03 3.40
N PRO A 117 31.07 -10.35 3.28
CA PRO A 117 31.45 -9.30 4.24
C PRO A 117 30.57 -8.04 4.21
N HIS A 118 30.16 -7.60 3.01
CA HIS A 118 29.38 -6.37 2.90
C HIS A 118 28.06 -6.38 2.07
N SER A 119 27.56 -7.58 1.72
CA SER A 119 26.33 -7.71 0.95
C SER A 119 25.14 -8.26 1.76
N PHE A 120 23.95 -7.73 1.51
CA PHE A 120 22.77 -8.15 2.24
C PHE A 120 21.48 -8.22 1.41
N ILE A 121 20.49 -8.91 1.96
CA ILE A 121 19.22 -9.10 1.31
C ILE A 121 18.09 -8.93 2.31
N ARG A 122 17.02 -8.24 1.91
CA ARG A 122 15.84 -8.10 2.79
C ARG A 122 15.14 -9.40 2.57
N ASP A 123 15.50 -10.37 3.38
CA ASP A 123 15.01 -11.71 3.22
C ASP A 123 13.63 -11.93 3.74
N SER A 124 12.92 -10.85 4.05
CA SER A 124 11.58 -10.98 4.58
C SER A 124 11.02 -9.61 4.93
N GLU A 125 9.71 -9.51 5.05
CA GLU A 125 9.07 -8.24 5.42
C GLU A 125 8.69 -8.30 6.89
N GLU A 126 9.26 -9.31 7.56
CA GLU A 126 9.11 -9.51 9.00
C GLU A 126 9.82 -8.34 9.68
N LYS A 127 9.30 -7.92 10.81
CA LYS A 127 9.89 -6.79 11.51
C LYS A 127 10.04 -7.09 12.99
N ARG A 128 11.19 -6.71 13.55
CA ARG A 128 11.39 -6.80 14.98
C ARG A 128 11.15 -5.34 15.45
N ASN A 129 10.31 -5.15 16.45
CA ASN A 129 10.03 -3.80 16.93
C ASN A 129 10.16 -3.73 18.43
N VAL A 130 10.17 -2.50 18.95
CA VAL A 130 10.18 -2.25 20.39
C VAL A 130 9.44 -0.97 20.62
N GLN A 131 8.67 -0.93 21.71
CA GLN A 131 7.93 0.25 22.15
C GLN A 131 8.52 0.52 23.53
N VAL A 132 9.08 1.69 23.73
CA VAL A 132 9.77 1.98 24.98
C VAL A 132 9.25 3.22 25.64
N ASP A 133 8.37 3.07 26.60
CA ASP A 133 7.90 4.24 27.29
C ASP A 133 8.83 4.49 28.44
N VAL A 134 9.25 5.74 28.57
CA VAL A 134 10.14 6.11 29.63
C VAL A 134 9.54 7.28 30.38
N VAL A 135 9.03 6.99 31.57
CA VAL A 135 8.41 8.01 32.39
C VAL A 135 9.37 8.43 33.50
N GLU A 136 9.42 9.72 33.77
CA GLU A 136 10.30 10.25 34.80
C GLU A 136 9.81 9.78 36.17
N GLY A 137 10.64 9.03 36.87
CA GLY A 137 10.26 8.57 38.20
C GLY A 137 9.34 7.33 38.21
N LYS A 138 9.30 6.61 37.10
CA LYS A 138 8.48 5.38 36.98
C LYS A 138 9.21 4.43 36.03
N GLY A 139 10.53 4.35 36.19
CA GLY A 139 11.37 3.47 35.38
C GLY A 139 11.02 3.40 33.88
N ILE A 140 11.71 2.47 33.19
CA ILE A 140 11.53 2.23 31.75
C ILE A 140 10.66 1.02 31.42
N ASP A 141 9.52 1.28 30.79
CA ASP A 141 8.62 0.23 30.33
C ASP A 141 8.92 -0.13 28.85
N ILE A 142 9.19 -1.40 28.61
CA ILE A 142 9.63 -1.92 27.32
C ILE A 142 8.85 -3.16 26.79
N LYS A 143 8.00 -2.94 25.78
CA LYS A 143 7.24 -4.03 25.10
C LYS A 143 8.05 -4.41 23.86
N SER A 144 8.42 -5.67 23.74
CA SER A 144 9.16 -6.15 22.56
C SER A 144 8.16 -6.88 21.65
N SER A 145 8.49 -6.98 20.36
CA SER A 145 7.62 -7.69 19.43
C SER A 145 8.25 -8.07 18.13
N LEU A 146 7.56 -9.00 17.47
CA LEU A 146 7.89 -9.44 16.13
C LEU A 146 6.58 -9.39 15.36
N SER A 147 6.67 -8.97 14.11
CA SER A 147 5.47 -8.80 13.29
C SER A 147 5.74 -9.14 11.86
N GLY A 148 4.67 -9.30 11.08
CA GLY A 148 4.82 -9.63 9.67
C GLY A 148 5.40 -11.00 9.44
N LEU A 149 5.20 -11.90 10.40
CA LEU A 149 5.64 -13.28 10.28
C LEU A 149 4.45 -14.01 9.66
N THR A 150 4.59 -14.40 8.40
CA THR A 150 3.50 -15.04 7.68
C THR A 150 3.79 -16.51 7.45
N VAL A 151 2.90 -17.34 7.97
CA VAL A 151 3.06 -18.78 7.90
C VAL A 151 1.77 -19.46 7.48
N LEU A 152 1.93 -20.68 7.01
CA LEU A 152 0.82 -21.48 6.57
C LEU A 152 1.19 -22.95 6.75
N LYS A 153 0.21 -23.76 7.08
CA LYS A 153 0.39 -25.21 7.23
C LYS A 153 -0.76 -25.85 6.47
N SER A 154 -0.46 -26.78 5.56
CA SER A 154 -1.50 -27.42 4.71
C SER A 154 -2.50 -28.33 5.44
N THR A 155 -2.10 -28.84 6.60
CA THR A 155 -2.98 -29.71 7.36
C THR A 155 -2.70 -29.64 8.87
N ASN A 156 -3.22 -30.61 9.62
CA ASN A 156 -3.06 -30.66 11.08
C ASN A 156 -3.62 -29.45 11.78
N SER A 157 -4.82 -29.07 11.33
CA SER A 157 -5.57 -27.98 11.90
C SER A 157 -6.99 -28.38 11.71
N GLN A 158 -7.79 -28.27 12.76
CA GLN A 158 -9.20 -28.62 12.65
C GLN A 158 -10.00 -27.59 13.35
N PHE A 159 -11.27 -27.54 13.06
CA PHE A 159 -12.13 -26.62 13.75
C PHE A 159 -13.55 -27.19 13.77
N TRP A 160 -13.91 -27.79 14.90
CA TRP A 160 -15.22 -28.38 15.12
C TRP A 160 -15.51 -28.23 16.63
N GLY A 161 -16.78 -28.38 17.02
CA GLY A 161 -17.16 -28.28 18.43
C GLY A 161 -17.67 -26.89 18.81
N PHE A 162 -17.63 -25.95 17.88
CA PHE A 162 -18.03 -24.60 18.16
C PHE A 162 -19.54 -24.46 18.30
N LEU A 163 -19.98 -23.36 18.89
CA LEU A 163 -21.39 -23.10 19.07
C LEU A 163 -22.10 -22.97 17.74
N ARG A 164 -23.25 -23.61 17.61
CA ARG A 164 -24.05 -23.49 16.38
C ARG A 164 -25.42 -22.97 16.77
N ASP A 165 -26.02 -22.18 15.88
CA ASP A 165 -27.31 -21.59 16.12
C ASP A 165 -27.87 -21.08 14.82
N GLU A 166 -28.94 -20.27 14.88
CA GLU A 166 -29.58 -19.76 13.65
C GLU A 166 -28.76 -18.78 12.83
N TYR A 167 -27.56 -18.50 13.29
CA TYR A 167 -26.64 -17.59 12.60
C TYR A 167 -25.50 -18.41 11.92
N THR A 168 -25.32 -19.64 12.39
CA THR A 168 -24.28 -20.52 11.90
C THR A 168 -24.56 -21.22 10.55
N THR A 169 -23.52 -21.32 9.72
CA THR A 169 -23.60 -22.03 8.44
C THR A 169 -22.25 -22.65 8.17
N LEU A 170 -21.33 -22.53 9.13
CA LEU A 170 -19.99 -23.02 8.95
C LEU A 170 -19.87 -24.48 9.30
N LYS A 171 -19.47 -25.28 8.31
CA LYS A 171 -19.31 -26.69 8.52
C LYS A 171 -18.07 -27.02 9.38
N GLU A 172 -18.22 -27.94 10.32
CA GLU A 172 -17.12 -28.34 11.18
C GLU A 172 -16.10 -29.00 10.27
N THR A 173 -14.85 -29.10 10.74
CA THR A 173 -13.79 -29.64 9.87
C THR A 173 -12.69 -30.36 10.66
N TRP A 174 -12.15 -31.42 10.07
CA TRP A 174 -11.13 -32.22 10.74
C TRP A 174 -9.79 -32.09 10.06
N ASP A 175 -9.79 -31.28 9.00
CA ASP A 175 -8.60 -30.95 8.23
C ASP A 175 -8.85 -29.68 7.49
N ARG A 176 -8.01 -28.68 7.73
CA ARG A 176 -8.13 -27.41 7.06
C ARG A 176 -6.77 -26.77 7.02
N ILE A 177 -6.64 -25.79 6.12
CA ILE A 177 -5.44 -25.01 5.98
C ILE A 177 -5.45 -23.90 7.05
N LEU A 178 -4.33 -23.71 7.74
CA LEU A 178 -4.17 -22.63 8.71
C LEU A 178 -3.03 -21.72 8.20
N SER A 179 -3.29 -20.42 8.15
CA SER A 179 -2.32 -19.44 7.68
C SER A 179 -2.65 -18.15 8.35
N THR A 180 -1.61 -17.50 8.88
CA THR A 180 -1.81 -16.25 9.55
C THR A 180 -0.55 -15.39 9.46
N ASP A 181 -0.68 -14.17 9.97
CA ASP A 181 0.42 -13.23 10.07
C ASP A 181 0.57 -13.09 11.58
N VAL A 182 1.71 -13.50 12.09
CA VAL A 182 1.92 -13.50 13.52
C VAL A 182 2.44 -12.20 14.06
N ASP A 183 1.68 -11.67 15.00
CA ASP A 183 2.06 -10.48 15.72
C ASP A 183 2.22 -10.95 17.19
N ALA A 184 3.44 -10.97 17.69
CA ALA A 184 3.73 -11.44 19.07
C ALA A 184 4.47 -10.41 19.90
N THR A 185 3.82 -9.93 20.95
CA THR A 185 4.42 -8.95 21.84
C THR A 185 4.67 -9.51 23.26
N TRP A 186 5.89 -9.33 23.76
CA TRP A 186 6.23 -9.77 25.12
C TRP A 186 6.77 -8.65 25.94
N GLN A 187 5.97 -8.22 26.92
CA GLN A 187 6.34 -7.12 27.81
C GLN A 187 7.38 -7.53 28.82
N TRP A 188 8.20 -6.58 29.23
CA TRP A 188 9.21 -6.82 30.23
C TRP A 188 8.75 -6.16 31.54
N LYS A 189 9.18 -6.73 32.66
CA LYS A 189 8.80 -6.16 33.96
C LYS A 189 9.45 -4.79 34.01
N ASN A 190 8.77 -3.80 34.60
CA ASN A 190 9.31 -2.44 34.68
C ASN A 190 10.78 -2.39 35.11
N PHE A 191 11.58 -1.55 34.46
CA PHE A 191 12.98 -1.45 34.81
C PHE A 191 13.21 -0.10 35.47
N SER A 192 14.08 -0.08 36.48
CA SER A 192 14.37 1.15 37.25
C SER A 192 14.91 2.27 36.35
N GLY A 193 15.89 1.92 35.51
CA GLY A 193 16.52 2.89 34.61
C GLY A 193 17.60 2.30 33.70
N LEU A 194 18.26 3.20 32.97
CA LEU A 194 19.29 2.84 32.00
C LEU A 194 20.33 1.83 32.46
N GLN A 195 20.58 1.78 33.77
CA GLN A 195 21.57 0.87 34.33
C GLN A 195 21.04 -0.55 34.44
N GLU A 196 19.76 -0.69 34.80
CA GLU A 196 19.15 -2.01 34.89
C GLU A 196 19.03 -2.59 33.50
N VAL A 197 18.51 -1.79 32.57
CA VAL A 197 18.38 -2.22 31.19
C VAL A 197 19.72 -2.75 30.69
N ARG A 198 20.73 -1.86 30.64
CA ARG A 198 22.11 -2.21 30.23
C ARG A 198 22.54 -3.53 30.82
N SER A 199 22.10 -3.77 32.05
CA SER A 199 22.43 -5.00 32.74
C SER A 199 21.98 -6.19 31.94
N HIS A 200 20.67 -6.25 31.70
CA HIS A 200 20.08 -7.39 31.00
C HIS A 200 20.29 -7.54 29.50
N VAL A 201 20.83 -6.50 28.85
CA VAL A 201 21.09 -6.46 27.39
C VAL A 201 21.08 -7.81 26.64
N PRO A 202 21.98 -8.72 27.02
CA PRO A 202 22.05 -10.06 26.39
C PRO A 202 20.72 -10.86 26.40
N LYS A 203 19.84 -10.58 27.36
CA LYS A 203 18.55 -11.29 27.42
C LYS A 203 17.72 -10.97 26.17
N PHE A 204 17.60 -9.68 25.89
CA PHE A 204 16.86 -9.15 24.73
C PHE A 204 16.92 -9.96 23.42
N ASP A 205 18.05 -9.92 22.72
CA ASP A 205 18.20 -10.63 21.44
C ASP A 205 17.85 -12.07 21.61
N ALA A 206 18.04 -12.59 22.81
CA ALA A 206 17.84 -14.01 23.04
C ALA A 206 16.39 -14.38 23.21
N THR A 207 15.66 -13.53 23.93
CA THR A 207 14.24 -13.76 24.15
C THR A 207 13.55 -13.74 22.79
N TRP A 208 13.87 -12.70 22.00
CA TRP A 208 13.33 -12.52 20.67
C TRP A 208 13.52 -13.76 19.83
N ALA A 209 14.71 -14.32 19.87
CA ALA A 209 14.99 -15.51 19.08
C ALA A 209 14.13 -16.67 19.59
N THR A 210 13.94 -16.71 20.90
CA THR A 210 13.16 -17.76 21.52
C THR A 210 11.70 -17.63 21.10
N ALA A 211 11.17 -16.39 21.21
CA ALA A 211 9.78 -16.08 20.83
C ALA A 211 9.49 -16.50 19.36
N ARG A 212 10.46 -16.31 18.48
CA ARG A 212 10.28 -16.67 17.10
C ARG A 212 10.24 -18.17 17.02
N GLU A 213 11.28 -18.78 17.56
CA GLU A 213 11.44 -20.23 17.57
C GLU A 213 10.26 -20.97 18.22
N VAL A 214 9.86 -20.50 19.40
CA VAL A 214 8.72 -21.09 20.08
C VAL A 214 7.54 -20.99 19.11
N THR A 215 7.24 -19.75 18.68
CA THR A 215 6.16 -19.50 17.72
C THR A 215 6.20 -20.44 16.53
N LEU A 216 7.28 -20.36 15.78
CA LEU A 216 7.45 -21.21 14.61
C LEU A 216 7.15 -22.69 14.90
N LYS A 217 7.93 -23.28 15.80
CA LYS A 217 7.80 -24.71 16.16
C LYS A 217 6.41 -25.16 16.60
N THR A 218 5.81 -24.41 17.49
CA THR A 218 4.48 -24.71 18.01
C THR A 218 3.44 -24.70 16.89
N PHE A 219 3.51 -23.68 16.04
CA PHE A 219 2.60 -23.56 14.95
C PHE A 219 2.74 -24.81 14.08
N ALA A 220 3.98 -25.18 13.81
CA ALA A 220 4.26 -26.30 12.95
C ALA A 220 3.92 -27.67 13.51
N GLU A 221 3.80 -27.77 14.84
CA GLU A 221 3.55 -29.06 15.48
C GLU A 221 2.16 -29.28 16.00
N ASP A 222 1.67 -28.34 16.78
CA ASP A 222 0.38 -28.48 17.40
C ASP A 222 -0.71 -28.91 16.40
N ASN A 223 -1.32 -30.07 16.65
CA ASN A 223 -2.41 -30.47 15.82
C ASN A 223 -3.48 -29.55 16.38
N SER A 224 -3.68 -28.43 15.68
CA SER A 224 -4.54 -27.35 16.14
C SER A 224 -6.04 -27.62 16.33
N ALA A 225 -6.53 -27.34 17.55
CA ALA A 225 -7.97 -27.49 17.87
C ALA A 225 -8.71 -26.17 17.53
N SER A 226 -7.98 -25.05 17.69
CA SER A 226 -8.42 -23.69 17.39
C SER A 226 -7.16 -22.81 17.37
N VAL A 227 -7.25 -21.65 16.70
CA VAL A 227 -6.14 -20.72 16.67
C VAL A 227 -5.86 -20.34 18.13
N GLN A 228 -6.97 -20.11 18.84
CA GLN A 228 -6.98 -19.75 20.27
C GLN A 228 -6.12 -20.68 21.11
N ALA A 229 -6.29 -21.98 20.86
CA ALA A 229 -5.60 -23.01 21.60
C ALA A 229 -4.10 -23.08 21.30
N THR A 230 -3.76 -22.89 20.03
CA THR A 230 -2.38 -22.91 19.62
C THR A 230 -1.60 -21.66 20.10
N MET A 231 -2.30 -20.53 20.17
CA MET A 231 -1.70 -19.29 20.63
C MET A 231 -1.29 -19.46 22.07
N TYR A 232 -2.27 -19.80 22.91
CA TYR A 232 -2.05 -19.96 24.33
C TYR A 232 -0.81 -20.77 24.66
N LYS A 233 -0.58 -21.84 23.89
CA LYS A 233 0.56 -22.70 24.10
C LYS A 233 1.83 -21.92 23.89
N MET A 234 1.83 -21.12 22.83
CA MET A 234 2.99 -20.30 22.50
C MET A 234 3.29 -19.38 23.68
N ALA A 235 2.29 -18.62 24.10
CA ALA A 235 2.42 -17.69 25.23
C ALA A 235 3.06 -18.40 26.42
N GLU A 236 2.53 -19.58 26.73
CA GLU A 236 3.03 -20.40 27.83
C GLU A 236 4.55 -20.53 27.75
N GLN A 237 5.03 -21.28 26.77
CA GLN A 237 6.46 -21.53 26.61
C GLN A 237 7.34 -20.29 26.66
N ILE A 238 6.76 -19.14 26.30
CA ILE A 238 7.49 -17.87 26.27
C ILE A 238 7.67 -17.40 27.71
N LEU A 239 6.54 -17.28 28.42
CA LEU A 239 6.55 -16.88 29.82
C LEU A 239 7.51 -17.80 30.60
N ALA A 240 7.49 -19.09 30.27
CA ALA A 240 8.32 -20.07 30.93
C ALA A 240 9.81 -19.83 30.72
N ARG A 241 10.21 -19.72 29.46
CA ARG A 241 11.61 -19.50 29.12
C ARG A 241 12.19 -18.15 29.56
N GLN A 242 11.37 -17.27 30.15
CA GLN A 242 11.87 -15.97 30.60
C GLN A 242 11.11 -15.33 31.77
N GLN A 243 11.70 -15.42 32.96
CA GLN A 243 11.08 -14.87 34.16
C GLN A 243 10.92 -13.35 34.12
N LEU A 244 11.59 -12.70 33.18
CA LEU A 244 11.51 -11.24 33.08
C LEU A 244 10.24 -10.76 32.38
N ILE A 245 9.56 -11.67 31.69
CA ILE A 245 8.36 -11.32 30.92
C ILE A 245 7.08 -11.31 31.74
N GLU A 246 6.50 -10.14 31.90
CA GLU A 246 5.28 -10.03 32.67
C GLU A 246 4.05 -10.56 31.92
N THR A 247 4.05 -10.42 30.60
CA THR A 247 2.92 -10.87 29.79
C THR A 247 3.33 -11.12 28.37
N VAL A 248 2.48 -11.87 27.66
CA VAL A 248 2.70 -12.13 26.27
C VAL A 248 1.39 -11.88 25.53
N GLU A 249 1.48 -11.17 24.43
CA GLU A 249 0.29 -10.86 23.65
C GLU A 249 0.45 -11.37 22.22
N TYR A 250 -0.57 -12.07 21.74
CA TYR A 250 -0.55 -12.61 20.40
C TYR A 250 -1.72 -12.04 19.69
N SER A 251 -1.51 -11.60 18.45
CA SER A 251 -2.59 -11.09 17.61
C SER A 251 -2.43 -11.88 16.34
N LEU A 252 -3.45 -12.67 15.98
CA LEU A 252 -3.39 -13.55 14.80
C LEU A 252 -4.60 -13.44 13.88
N PRO A 253 -4.41 -12.80 12.74
CA PRO A 253 -5.45 -12.71 11.73
C PRO A 253 -5.51 -14.10 11.11
N ASN A 254 -6.67 -14.73 11.14
CA ASN A 254 -6.83 -16.05 10.58
C ASN A 254 -7.18 -15.85 9.10
N LYS A 255 -6.20 -16.10 8.23
CA LYS A 255 -6.38 -15.91 6.77
C LYS A 255 -7.01 -17.13 6.14
N HIS A 256 -8.27 -17.01 5.70
CA HIS A 256 -8.99 -18.16 5.10
C HIS A 256 -8.70 -18.57 3.68
N TYR A 257 -8.72 -19.90 3.48
CA TYR A 257 -8.54 -20.53 2.18
C TYR A 257 -9.74 -21.42 1.90
N PHE A 258 -10.68 -20.93 1.08
CA PHE A 258 -11.88 -21.66 0.72
C PHE A 258 -11.68 -22.80 -0.32
N GLU A 259 -12.55 -23.80 -0.25
CA GLU A 259 -12.54 -24.92 -1.17
C GLU A 259 -13.35 -24.51 -2.37
N ILE A 260 -13.02 -25.06 -3.53
CA ILE A 260 -13.75 -24.71 -4.73
C ILE A 260 -14.44 -25.92 -5.25
N ASP A 261 -15.78 -25.88 -5.17
CA ASP A 261 -16.61 -26.95 -5.64
C ASP A 261 -16.57 -26.88 -7.15
N LEU A 262 -16.10 -27.96 -7.77
CA LEU A 262 -15.99 -28.02 -9.21
C LEU A 262 -16.80 -29.22 -9.72
N SER A 263 -17.67 -29.74 -8.87
CA SER A 263 -18.51 -30.87 -9.25
C SER A 263 -19.40 -30.48 -10.45
N TRP A 264 -19.81 -29.21 -10.49
CA TRP A 264 -20.63 -28.70 -11.59
C TRP A 264 -19.93 -28.90 -12.94
N HIS A 265 -18.62 -29.14 -12.92
CA HIS A 265 -17.88 -29.35 -14.17
C HIS A 265 -17.37 -30.77 -14.28
N LYS A 266 -18.04 -31.55 -15.13
CA LYS A 266 -17.68 -32.93 -15.38
C LYS A 266 -17.51 -33.71 -14.10
N GLY A 267 -18.27 -33.27 -13.09
CA GLY A 267 -18.24 -33.91 -11.79
C GLY A 267 -16.85 -33.94 -11.20
N LEU A 268 -16.04 -32.92 -11.51
CA LEU A 268 -14.70 -32.86 -10.94
C LEU A 268 -14.86 -32.85 -9.44
N GLN A 269 -14.04 -33.62 -8.77
CA GLN A 269 -14.11 -33.70 -7.31
C GLN A 269 -13.01 -32.86 -6.67
N ASN A 270 -13.35 -31.66 -6.24
CA ASN A 270 -12.33 -30.80 -5.62
C ASN A 270 -12.63 -30.39 -4.17
N THR A 271 -13.48 -31.15 -3.46
CA THR A 271 -13.78 -30.85 -2.04
C THR A 271 -13.38 -31.99 -1.10
N GLY A 272 -13.48 -31.74 0.18
CA GLY A 272 -13.15 -32.72 1.19
C GLY A 272 -11.80 -33.37 0.94
N LYS A 273 -11.75 -34.68 1.07
CA LYS A 273 -10.50 -35.42 0.88
C LYS A 273 -9.87 -35.26 -0.52
N ASN A 274 -10.64 -34.77 -1.50
CA ASN A 274 -10.07 -34.54 -2.86
C ASN A 274 -9.79 -33.07 -3.15
N ALA A 275 -9.71 -32.25 -2.10
CA ALA A 275 -9.46 -30.82 -2.29
C ALA A 275 -7.98 -30.55 -2.59
N GLU A 276 -7.72 -29.98 -3.75
CA GLU A 276 -6.35 -29.66 -4.16
C GLU A 276 -6.24 -28.17 -4.41
N VAL A 277 -7.16 -27.65 -5.22
CA VAL A 277 -7.18 -26.25 -5.61
C VAL A 277 -8.10 -25.45 -4.69
N PHE A 278 -7.57 -24.36 -4.14
CA PHE A 278 -8.28 -23.52 -3.19
C PHE A 278 -8.23 -22.10 -3.62
N ALA A 279 -9.13 -21.30 -3.06
CA ALA A 279 -9.21 -19.88 -3.35
C ALA A 279 -8.80 -19.12 -2.08
N PRO A 280 -7.63 -18.45 -2.11
CA PRO A 280 -7.20 -17.66 -0.95
C PRO A 280 -8.15 -16.48 -0.86
N GLN A 281 -8.49 -16.08 0.36
CA GLN A 281 -9.47 -14.98 0.57
C GLN A 281 -8.79 -13.82 1.16
N SER A 282 -8.78 -12.69 0.46
CA SER A 282 -8.19 -11.46 0.97
C SER A 282 -8.96 -10.94 2.18
N ASP A 283 -10.29 -11.14 2.18
CA ASP A 283 -11.15 -10.67 3.28
C ASP A 283 -12.49 -11.31 3.20
N PRO A 284 -13.22 -11.35 4.32
CA PRO A 284 -12.72 -10.84 5.58
C PRO A 284 -11.78 -11.81 6.18
N ASN A 285 -11.49 -11.64 7.45
CA ASN A 285 -10.61 -12.56 8.11
C ASN A 285 -10.85 -12.60 9.60
N GLY A 286 -10.68 -13.77 10.18
CA GLY A 286 -10.85 -13.90 11.60
C GLY A 286 -9.64 -13.25 12.22
N LEU A 287 -9.84 -12.63 13.37
CA LEU A 287 -8.78 -11.96 14.07
C LEU A 287 -8.92 -12.47 15.49
N ILE A 288 -7.86 -13.08 16.00
CA ILE A 288 -7.87 -13.68 17.33
C ILE A 288 -6.71 -13.17 18.19
N LYS A 289 -7.03 -12.50 19.29
CA LYS A 289 -5.98 -12.02 20.18
C LYS A 289 -6.18 -12.47 21.62
N CYS A 290 -5.12 -12.37 22.39
CA CYS A 290 -5.19 -12.72 23.79
C CYS A 290 -3.88 -12.44 24.52
N THR A 291 -4.00 -11.88 25.71
CA THR A 291 -2.85 -11.59 26.54
C THR A 291 -2.74 -12.64 27.62
N VAL A 292 -1.53 -13.16 27.78
CA VAL A 292 -1.28 -14.16 28.77
C VAL A 292 -0.23 -13.70 29.80
N GLY A 293 -0.70 -13.36 31.01
CA GLY A 293 0.18 -12.96 32.12
C GLY A 293 0.39 -14.20 33.03
N ARG A 294 1.03 -14.00 34.19
CA ARG A 294 1.27 -15.12 35.12
C ARG A 294 0.28 -15.16 36.28
N SER A 295 0.12 -16.35 36.88
CA SER A 295 -0.80 -16.55 38.01
C SER A 295 -0.26 -15.95 39.32
N ALA B 2 -1.93 -17.36 32.61
CA ALA B 2 -3.38 -17.22 32.53
C ALA B 2 -3.81 -16.06 31.63
N VAL B 3 -4.96 -16.26 31.01
CA VAL B 3 -5.52 -15.33 30.06
C VAL B 3 -5.92 -14.00 30.66
N LYS B 4 -5.00 -13.04 30.67
CA LYS B 4 -5.34 -11.73 31.21
C LYS B 4 -6.47 -11.07 30.39
N ALA B 5 -6.41 -11.24 29.07
CA ALA B 5 -7.49 -10.74 28.19
C ALA B 5 -7.54 -11.53 26.88
N ALA B 6 -8.72 -11.55 26.27
CA ALA B 6 -8.92 -12.21 25.00
C ALA B 6 -10.11 -11.57 24.27
N ARG B 7 -9.98 -11.47 22.94
CA ARG B 7 -11.02 -10.94 22.04
C ARG B 7 -10.76 -11.72 20.78
N TYR B 8 -11.81 -11.94 20.03
CA TYR B 8 -11.68 -12.66 18.78
C TYR B 8 -12.89 -12.25 18.01
N GLY B 9 -12.76 -12.15 16.71
CA GLY B 9 -13.88 -11.73 15.93
C GLY B 9 -13.53 -11.81 14.49
N LYS B 10 -14.26 -11.06 13.69
CA LYS B 10 -14.02 -11.04 12.28
C LYS B 10 -13.60 -9.63 11.94
N ASP B 11 -12.67 -9.51 11.00
CA ASP B 11 -12.19 -8.21 10.57
C ASP B 11 -12.43 -8.03 9.06
N ASN B 12 -12.34 -6.81 8.57
CA ASN B 12 -12.52 -6.55 7.16
C ASN B 12 -13.76 -7.06 6.51
N VAL B 13 -14.87 -7.07 7.25
CA VAL B 13 -16.12 -7.48 6.66
C VAL B 13 -16.62 -6.30 5.87
N ARG B 14 -16.53 -6.40 4.56
CA ARG B 14 -16.95 -5.33 3.68
C ARG B 14 -18.44 -5.44 3.42
N VAL B 15 -19.16 -4.35 3.66
CA VAL B 15 -20.61 -4.36 3.44
C VAL B 15 -21.07 -3.23 2.60
N TYR B 16 -22.11 -3.48 1.83
CA TYR B 16 -22.68 -2.49 0.95
C TYR B 16 -24.22 -2.64 0.99
N LYS B 17 -24.90 -1.53 1.25
CA LYS B 17 -26.33 -1.54 1.29
C LYS B 17 -26.90 -0.46 0.39
N VAL B 18 -27.97 -0.78 -0.31
CA VAL B 18 -28.60 0.20 -1.19
C VAL B 18 -30.02 0.52 -0.70
N HIS B 19 -30.40 1.78 -0.76
CA HIS B 19 -31.75 2.19 -0.40
C HIS B 19 -32.48 2.66 -1.65
N LYS B 20 -33.50 1.90 -2.04
CA LYS B 20 -34.28 2.21 -3.25
C LYS B 20 -35.57 2.94 -2.87
N ASP B 21 -35.73 4.19 -3.35
CA ASP B 21 -36.96 4.94 -3.07
C ASP B 21 -38.01 4.68 -4.15
N GLU B 22 -39.25 4.52 -3.71
CA GLU B 22 -40.39 4.26 -4.59
C GLU B 22 -40.77 5.45 -5.47
N LYS B 23 -41.33 6.47 -4.83
CA LYS B 23 -41.77 7.66 -5.54
C LYS B 23 -40.69 8.22 -6.47
N THR B 24 -39.62 8.72 -5.86
CA THR B 24 -38.50 9.32 -6.59
C THR B 24 -37.77 8.29 -7.46
N GLY B 25 -37.58 7.08 -6.91
CA GLY B 25 -36.88 6.01 -7.62
C GLY B 25 -35.37 6.16 -7.34
N VAL B 26 -35.03 7.29 -6.70
CA VAL B 26 -33.66 7.67 -6.35
C VAL B 26 -33.02 6.73 -5.32
N GLN B 27 -31.90 6.13 -5.71
CA GLN B 27 -31.19 5.16 -4.87
C GLN B 27 -30.08 5.78 -4.08
N THR B 28 -29.83 5.22 -2.90
CA THR B 28 -28.77 5.69 -2.01
C THR B 28 -27.91 4.53 -1.62
N VAL B 29 -26.60 4.70 -1.81
CA VAL B 29 -25.63 3.64 -1.51
C VAL B 29 -24.79 3.96 -0.30
N TYR B 30 -24.48 2.89 0.46
CA TYR B 30 -23.67 2.98 1.65
C TYR B 30 -22.70 1.82 1.62
N GLU B 31 -21.42 2.10 1.84
CA GLU B 31 -20.39 1.06 1.87
C GLU B 31 -19.49 1.27 3.06
N MET B 32 -19.18 0.19 3.74
CA MET B 32 -18.36 0.25 4.93
C MET B 32 -17.59 -1.04 5.12
N THR B 33 -16.62 -0.99 6.03
CA THR B 33 -15.82 -2.15 6.38
C THR B 33 -16.01 -2.31 7.87
N VAL B 34 -16.43 -3.52 8.28
CA VAL B 34 -16.75 -3.80 9.68
C VAL B 34 -15.80 -4.80 10.37
N CYS B 35 -15.66 -4.67 11.67
CA CYS B 35 -14.85 -5.60 12.44
C CYS B 35 -15.50 -5.67 13.82
N VAL B 36 -15.84 -6.89 14.23
CA VAL B 36 -16.47 -7.12 15.51
C VAL B 36 -15.51 -7.97 16.28
N LEU B 37 -15.28 -7.64 17.53
CA LEU B 37 -14.37 -8.42 18.37
C LEU B 37 -15.12 -8.75 19.65
N LEU B 38 -15.17 -10.04 20.01
CA LEU B 38 -15.93 -10.43 21.19
C LEU B 38 -15.07 -10.78 22.37
N GLU B 39 -15.68 -10.64 23.55
CA GLU B 39 -15.01 -10.90 24.80
C GLU B 39 -16.03 -11.56 25.72
N GLY B 40 -15.54 -12.13 26.81
CA GLY B 40 -16.42 -12.80 27.76
C GLY B 40 -15.76 -14.04 28.32
N GLU B 41 -16.57 -14.93 28.89
CA GLU B 41 -16.08 -16.18 29.47
C GLU B 41 -15.76 -17.13 28.32
N ILE B 42 -14.51 -17.07 27.86
CA ILE B 42 -14.08 -17.88 26.73
C ILE B 42 -12.67 -18.44 26.90
N GLU B 43 -12.03 -18.10 28.02
CA GLU B 43 -10.66 -18.57 28.37
C GLU B 43 -10.43 -20.04 28.00
N THR B 44 -11.40 -20.87 28.31
CA THR B 44 -11.33 -22.32 28.05
C THR B 44 -11.03 -22.67 26.61
N SER B 45 -11.40 -21.80 25.69
CA SER B 45 -11.14 -22.03 24.26
C SER B 45 -9.64 -21.90 24.00
N TYR B 46 -8.95 -21.20 24.91
CA TYR B 46 -7.52 -20.99 24.80
C TYR B 46 -6.78 -21.98 25.65
N THR B 47 -7.17 -22.00 26.92
CA THR B 47 -6.56 -22.86 27.94
C THR B 47 -6.72 -24.37 27.71
N LYS B 48 -7.97 -24.82 27.48
CA LYS B 48 -8.25 -26.26 27.31
C LYS B 48 -8.80 -26.71 25.96
N ALA B 49 -8.85 -25.84 24.97
CA ALA B 49 -9.32 -26.22 23.63
C ALA B 49 -10.83 -26.52 23.57
N ASP B 50 -11.62 -25.73 24.30
CA ASP B 50 -13.04 -25.91 24.34
C ASP B 50 -13.64 -24.92 23.34
N ASN B 51 -14.12 -25.44 22.21
CA ASN B 51 -14.68 -24.60 21.18
C ASN B 51 -16.15 -24.41 21.39
N SER B 52 -16.66 -24.96 22.48
CA SER B 52 -18.09 -24.85 22.77
C SER B 52 -18.47 -23.41 23.07
N VAL B 53 -17.53 -22.68 23.66
CA VAL B 53 -17.73 -21.27 24.01
C VAL B 53 -17.52 -20.38 22.80
N ILE B 54 -16.97 -20.93 21.73
CA ILE B 54 -16.70 -20.13 20.56
C ILE B 54 -17.84 -19.89 19.56
N VAL B 55 -18.21 -18.64 19.39
CA VAL B 55 -19.17 -18.27 18.37
C VAL B 55 -18.25 -18.09 17.16
N ALA B 56 -18.49 -18.85 16.12
CA ALA B 56 -17.62 -18.82 14.95
C ALA B 56 -17.55 -17.45 14.31
N THR B 57 -16.32 -17.05 13.97
CA THR B 57 -16.06 -15.76 13.33
C THR B 57 -16.83 -15.64 12.05
N ASP B 58 -17.15 -16.79 11.45
CA ASP B 58 -17.94 -16.83 10.23
C ASP B 58 -19.36 -16.45 10.62
N SER B 59 -19.78 -16.93 11.79
CA SER B 59 -21.11 -16.66 12.31
C SER B 59 -21.25 -15.16 12.50
N ILE B 60 -20.24 -14.55 13.10
CA ILE B 60 -20.24 -13.09 13.29
C ILE B 60 -20.36 -12.39 11.94
N LYS B 61 -19.65 -12.91 10.94
CA LYS B 61 -19.73 -12.34 9.61
C LYS B 61 -21.19 -12.47 9.14
N ASN B 62 -21.76 -13.66 9.36
CA ASN B 62 -23.17 -13.91 8.98
C ASN B 62 -24.04 -12.91 9.70
N THR B 63 -23.81 -12.76 10.99
CA THR B 63 -24.58 -11.84 11.78
C THR B 63 -24.54 -10.42 11.21
N ILE B 64 -23.35 -9.95 10.88
CA ILE B 64 -23.20 -8.60 10.36
C ILE B 64 -24.05 -8.34 9.14
N TYR B 65 -24.05 -9.27 8.19
CA TYR B 65 -24.86 -9.10 7.00
C TYR B 65 -26.35 -9.10 7.40
N ILE B 66 -26.70 -10.08 8.22
CA ILE B 66 -28.07 -10.23 8.68
C ILE B 66 -28.55 -8.91 9.32
N THR B 67 -27.75 -8.37 10.23
CA THR B 67 -28.14 -7.14 10.86
C THR B 67 -28.35 -6.04 9.83
N ALA B 68 -27.32 -5.69 9.08
CA ALA B 68 -27.41 -4.65 8.04
C ALA B 68 -28.64 -4.80 7.15
N LYS B 69 -29.12 -6.02 6.99
CA LYS B 69 -30.31 -6.26 6.17
C LYS B 69 -31.60 -5.81 6.91
N GLN B 70 -31.67 -6.11 8.19
CA GLN B 70 -32.83 -5.81 9.02
C GLN B 70 -32.89 -4.40 9.57
N ASN B 71 -31.74 -3.76 9.72
CA ASN B 71 -31.69 -2.43 10.30
C ASN B 71 -31.12 -1.39 9.34
N PRO B 72 -31.13 -0.13 9.78
CA PRO B 72 -30.55 0.92 8.96
C PRO B 72 -29.03 0.94 9.29
N VAL B 73 -28.21 1.12 8.26
CA VAL B 73 -26.75 1.11 8.42
C VAL B 73 -26.19 2.46 8.83
N THR B 74 -27.00 3.51 8.65
CA THR B 74 -26.64 4.88 9.04
C THR B 74 -27.57 5.38 10.15
N PRO B 75 -27.03 6.16 11.07
CA PRO B 75 -25.63 6.49 11.05
C PRO B 75 -24.83 5.41 11.77
N PRO B 76 -23.58 5.27 11.34
CA PRO B 76 -22.64 4.27 11.88
C PRO B 76 -22.73 4.11 13.37
N GLU B 77 -22.93 5.19 14.10
CA GLU B 77 -23.02 5.11 15.57
C GLU B 77 -24.18 4.22 16.03
N LEU B 78 -25.32 4.36 15.35
CA LEU B 78 -26.49 3.58 15.67
C LEU B 78 -26.22 2.13 15.30
N PHE B 79 -26.00 1.91 14.00
CA PHE B 79 -25.75 0.58 13.46
C PHE B 79 -24.73 -0.19 14.29
N GLY B 80 -23.70 0.47 14.77
CA GLY B 80 -22.68 -0.21 15.56
C GLY B 80 -23.19 -0.60 16.93
N SER B 81 -24.21 0.10 17.40
CA SER B 81 -24.78 -0.13 18.72
C SER B 81 -25.77 -1.26 18.64
N ILE B 82 -26.58 -1.24 17.58
CA ILE B 82 -27.55 -2.28 17.34
C ILE B 82 -26.74 -3.54 17.23
N LEU B 83 -25.66 -3.45 16.47
CA LEU B 83 -24.77 -4.56 16.22
C LEU B 83 -24.13 -5.14 17.46
N GLY B 84 -23.46 -4.30 18.24
CA GLY B 84 -22.76 -4.75 19.44
C GLY B 84 -23.71 -5.19 20.55
N THR B 85 -24.93 -4.64 20.56
CA THR B 85 -25.90 -5.01 21.59
C THR B 85 -26.31 -6.44 21.38
N HIS B 86 -26.70 -6.75 20.14
CA HIS B 86 -27.10 -8.09 19.75
C HIS B 86 -26.19 -9.15 20.39
N PHE B 87 -24.92 -9.11 20.06
CA PHE B 87 -23.96 -10.07 20.59
C PHE B 87 -24.02 -10.38 22.09
N ILE B 88 -24.01 -9.35 22.92
CA ILE B 88 -24.06 -9.52 24.39
C ILE B 88 -25.41 -10.09 24.85
N GLU B 89 -26.48 -9.69 24.16
CA GLU B 89 -27.82 -10.16 24.45
C GLU B 89 -28.16 -11.55 23.93
N LYS B 90 -27.77 -11.87 22.69
CA LYS B 90 -28.03 -13.20 22.14
C LYS B 90 -27.17 -14.28 22.78
N TYR B 91 -26.07 -13.90 23.41
CA TYR B 91 -25.20 -14.89 24.06
C TYR B 91 -24.99 -14.53 25.50
N ASN B 92 -24.87 -15.55 26.33
CA ASN B 92 -24.70 -15.32 27.75
C ASN B 92 -23.26 -15.22 28.16
N HIS B 93 -22.37 -15.98 27.52
CA HIS B 93 -20.98 -15.91 27.90
C HIS B 93 -20.32 -14.73 27.23
N ILE B 94 -21.07 -14.05 26.36
CA ILE B 94 -20.57 -12.88 25.66
C ILE B 94 -20.97 -11.58 26.38
N HIS B 95 -20.00 -10.97 27.03
CA HIS B 95 -20.23 -9.79 27.83
C HIS B 95 -19.88 -8.44 27.20
N ALA B 96 -18.87 -8.45 26.30
CA ALA B 96 -18.44 -7.23 25.62
C ALA B 96 -18.25 -7.44 24.11
N ALA B 97 -18.84 -6.55 23.32
CA ALA B 97 -18.73 -6.57 21.86
C ALA B 97 -18.05 -5.27 21.38
N HIS B 98 -16.95 -5.41 20.64
CA HIS B 98 -16.22 -4.23 20.14
C HIS B 98 -16.38 -4.04 18.65
N VAL B 99 -17.12 -3.02 18.30
CA VAL B 99 -17.46 -2.74 16.91
C VAL B 99 -16.72 -1.54 16.30
N ASN B 100 -15.94 -1.80 15.26
CA ASN B 100 -15.26 -0.77 14.50
C ASN B 100 -15.89 -0.75 13.15
N ILE B 101 -16.28 0.42 12.69
CA ILE B 101 -16.87 0.57 11.36
C ILE B 101 -16.12 1.69 10.66
N VAL B 102 -15.94 1.57 9.34
CA VAL B 102 -15.26 2.63 8.59
C VAL B 102 -16.16 2.91 7.42
N CYS B 103 -16.68 4.13 7.32
CA CYS B 103 -17.56 4.43 6.21
C CYS B 103 -16.75 4.94 5.04
N HIS B 104 -17.08 4.50 3.85
CA HIS B 104 -16.37 4.89 2.66
C HIS B 104 -17.28 5.82 1.91
N ARG B 105 -16.69 6.75 1.17
CA ARG B 105 -17.46 7.73 0.45
C ARG B 105 -17.98 7.33 -0.87
N TRP B 106 -19.30 7.44 -0.99
CA TRP B 106 -19.97 7.17 -2.22
C TRP B 106 -20.87 8.39 -2.50
N THR B 107 -20.22 9.48 -2.89
CA THR B 107 -20.90 10.72 -3.18
C THR B 107 -21.76 10.61 -4.45
N ARG B 108 -22.95 11.23 -4.41
CA ARG B 108 -23.85 11.20 -5.58
C ARG B 108 -23.33 12.19 -6.59
N MET B 109 -23.17 11.75 -7.83
CA MET B 109 -22.67 12.62 -8.92
C MET B 109 -23.68 13.70 -9.29
N ASP B 110 -23.19 14.84 -9.77
CA ASP B 110 -24.05 15.90 -10.29
C ASP B 110 -23.81 15.93 -11.81
N ILE B 111 -24.70 15.34 -12.59
CA ILE B 111 -24.52 15.35 -14.05
C ILE B 111 -25.41 16.40 -14.67
N ASP B 112 -24.78 17.45 -15.22
CA ASP B 112 -25.52 18.54 -15.83
C ASP B 112 -26.21 19.34 -14.71
N GLY B 113 -25.43 19.75 -13.71
CA GLY B 113 -25.92 20.54 -12.58
C GLY B 113 -26.96 19.84 -11.70
N LYS B 114 -27.46 18.69 -12.15
CA LYS B 114 -28.48 17.97 -11.38
C LYS B 114 -28.05 16.62 -10.79
N PRO B 115 -28.29 16.44 -9.48
CA PRO B 115 -28.00 15.20 -8.78
C PRO B 115 -28.57 13.98 -9.49
N HIS B 116 -27.75 12.96 -9.64
CA HIS B 116 -28.14 11.75 -10.33
C HIS B 116 -28.71 10.70 -9.37
N PRO B 117 -29.82 10.11 -9.78
CA PRO B 117 -30.53 9.13 -8.97
C PRO B 117 -29.70 7.94 -8.50
N HIS B 118 -28.90 7.36 -9.39
CA HIS B 118 -28.15 6.17 -9.02
C HIS B 118 -26.68 6.09 -9.54
N SER B 119 -25.92 7.17 -9.44
CA SER B 119 -24.53 7.16 -9.88
C SER B 119 -23.69 7.88 -8.87
N PHE B 120 -22.75 7.17 -8.27
CA PHE B 120 -21.94 7.72 -7.20
C PHE B 120 -20.47 7.80 -7.55
N ILE B 121 -19.72 8.50 -6.70
CA ILE B 121 -18.29 8.68 -6.90
C ILE B 121 -17.55 8.67 -5.56
N ARG B 122 -16.40 8.01 -5.53
CA ARG B 122 -15.55 8.01 -4.35
C ARG B 122 -14.79 9.34 -4.39
N ASP B 123 -15.41 10.39 -3.85
CA ASP B 123 -14.84 11.72 -3.95
C ASP B 123 -13.72 12.05 -3.00
N SER B 124 -13.16 11.03 -2.36
CA SER B 124 -12.05 11.22 -1.44
C SER B 124 -11.79 9.93 -0.71
N GLU B 125 -10.54 9.76 -0.25
CA GLU B 125 -10.17 8.61 0.55
C GLU B 125 -10.40 8.90 2.05
N GLU B 126 -11.05 10.02 2.33
CA GLU B 126 -11.39 10.38 3.70
C GLU B 126 -12.52 9.45 4.18
N LYS B 127 -12.38 8.94 5.41
CA LYS B 127 -13.35 8.00 5.97
C LYS B 127 -14.08 8.58 7.17
N ARG B 128 -15.25 8.03 7.48
CA ARG B 128 -16.01 8.43 8.67
C ARG B 128 -16.05 7.17 9.49
N ASN B 129 -15.64 7.23 10.75
CA ASN B 129 -15.57 5.98 11.54
C ASN B 129 -16.14 6.02 12.93
N VAL B 130 -16.47 4.83 13.41
CA VAL B 130 -16.99 4.68 14.76
C VAL B 130 -16.32 3.51 15.45
N GLN B 131 -16.00 3.70 16.70
CA GLN B 131 -15.53 2.62 17.53
C GLN B 131 -16.65 2.58 18.57
N VAL B 132 -17.40 1.47 18.60
CA VAL B 132 -18.52 1.35 19.52
C VAL B 132 -18.23 0.19 20.44
N ASP B 133 -18.06 0.46 21.73
CA ASP B 133 -17.79 -0.60 22.70
C ASP B 133 -19.00 -0.83 23.58
N VAL B 134 -19.63 -1.98 23.38
CA VAL B 134 -20.84 -2.34 24.11
C VAL B 134 -20.49 -3.29 25.28
N VAL B 135 -20.63 -2.81 26.51
CA VAL B 135 -20.34 -3.65 27.67
C VAL B 135 -21.58 -4.01 28.50
N GLU B 136 -21.61 -5.23 29.04
CA GLU B 136 -22.75 -5.67 29.84
C GLU B 136 -22.74 -4.95 31.17
N GLY B 137 -23.79 -4.16 31.38
CA GLY B 137 -23.95 -3.39 32.61
C GLY B 137 -22.98 -2.21 32.68
N LYS B 138 -22.65 -1.63 31.53
CA LYS B 138 -21.73 -0.49 31.47
C LYS B 138 -22.12 0.36 30.28
N GLY B 139 -23.14 -0.10 29.59
CA GLY B 139 -23.66 0.64 28.46
C GLY B 139 -22.71 0.69 27.26
N ILE B 140 -23.14 1.47 26.28
CA ILE B 140 -22.43 1.65 25.01
C ILE B 140 -21.50 2.89 24.91
N ASP B 141 -20.20 2.63 24.83
CA ASP B 141 -19.20 3.70 24.67
C ASP B 141 -18.84 3.92 23.21
N ILE B 142 -19.26 5.07 22.67
CA ILE B 142 -19.04 5.42 21.29
C ILE B 142 -17.90 6.42 21.12
N LYS B 143 -17.19 6.29 20.02
CA LYS B 143 -16.09 7.20 19.69
C LYS B 143 -16.22 7.37 18.24
N SER B 144 -16.67 8.53 17.81
CA SER B 144 -16.81 8.77 16.41
C SER B 144 -15.50 9.45 15.95
N SER B 145 -15.25 9.46 14.64
CA SER B 145 -14.05 10.07 14.13
C SER B 145 -14.11 10.31 12.64
N LEU B 146 -13.17 11.13 12.16
CA LEU B 146 -13.00 11.38 10.75
C LEU B 146 -11.51 11.20 10.57
N SER B 147 -11.12 10.64 9.44
CA SER B 147 -9.73 10.38 9.21
C SER B 147 -9.39 10.48 7.75
N GLY B 148 -8.10 10.64 7.45
CA GLY B 148 -7.64 10.74 6.08
C GLY B 148 -8.12 11.97 5.34
N LEU B 149 -8.39 13.05 6.08
CA LEU B 149 -8.78 14.30 5.45
C LEU B 149 -7.50 15.08 5.29
N THR B 150 -7.01 15.12 4.07
CA THR B 150 -5.73 15.74 3.74
C THR B 150 -5.86 17.14 3.25
N VAL B 151 -5.24 18.06 3.96
CA VAL B 151 -5.34 19.47 3.66
C VAL B 151 -3.99 20.11 3.48
N LEU B 152 -3.97 21.31 2.89
CA LEU B 152 -2.72 22.07 2.71
C LEU B 152 -2.95 23.59 2.64
N LYS B 153 -2.17 24.33 3.42
CA LYS B 153 -2.21 25.80 3.36
C LYS B 153 -0.82 26.32 2.94
N SER B 154 -0.82 27.16 1.88
CA SER B 154 0.43 27.68 1.25
C SER B 154 1.15 28.78 1.98
N THR B 155 0.53 29.32 3.01
CA THR B 155 1.11 30.40 3.80
C THR B 155 0.26 30.54 5.03
N ASN B 156 0.49 31.62 5.77
CA ASN B 156 -0.31 31.90 6.94
C ASN B 156 -0.11 30.83 7.98
N SER B 157 1.10 30.33 8.08
CA SER B 157 1.47 29.35 9.08
C SER B 157 2.87 29.76 9.47
N GLN B 158 3.17 29.70 10.77
CA GLN B 158 4.48 30.11 11.23
C GLN B 158 5.01 29.16 12.27
N PHE B 159 6.31 29.21 12.47
CA PHE B 159 6.89 28.43 13.53
C PHE B 159 8.23 28.99 14.04
N TRP B 160 8.12 29.73 15.13
CA TRP B 160 9.27 30.36 15.75
C TRP B 160 9.12 30.36 17.27
N GLY B 161 10.08 30.97 17.94
CA GLY B 161 10.05 31.06 19.40
C GLY B 161 10.20 29.72 20.11
N PHE B 162 10.61 28.69 19.37
CA PHE B 162 10.76 27.38 20.01
C PHE B 162 12.10 27.25 20.72
N LEU B 163 12.17 26.28 21.64
CA LEU B 163 13.38 26.06 22.40
C LEU B 163 14.54 25.87 21.44
N ARG B 164 15.69 26.43 21.78
CA ARG B 164 16.89 26.27 20.94
C ARG B 164 18.05 25.76 21.78
N ASP B 165 18.89 24.93 21.20
CA ASP B 165 20.02 24.39 21.95
C ASP B 165 21.02 23.69 21.06
N GLU B 166 21.90 22.87 21.63
CA GLU B 166 22.93 22.22 20.85
C GLU B 166 22.45 21.09 19.89
N TYR B 167 21.15 20.87 19.87
CA TYR B 167 20.55 19.88 18.98
C TYR B 167 19.61 20.60 18.00
N THR B 168 19.51 21.92 18.13
CA THR B 168 18.62 22.70 17.27
C THR B 168 19.32 23.29 16.05
N THR B 169 18.79 22.99 14.87
CA THR B 169 19.31 23.57 13.64
C THR B 169 18.19 24.21 12.87
N LEU B 170 16.94 23.98 13.28
CA LEU B 170 15.81 24.56 12.54
C LEU B 170 15.79 26.06 12.68
N LYS B 171 15.45 26.74 11.60
CA LYS B 171 15.41 28.16 11.61
C LYS B 171 14.00 28.63 11.76
N GLU B 172 13.78 29.56 12.70
CA GLU B 172 12.47 30.11 12.90
C GLU B 172 11.98 30.66 11.59
N THR B 173 10.67 30.77 11.44
CA THR B 173 10.07 31.22 10.20
C THR B 173 8.69 31.82 10.47
N TRP B 174 8.30 32.73 9.59
CA TRP B 174 7.06 33.46 9.68
C TRP B 174 6.10 33.15 8.55
N ASP B 175 6.61 32.40 7.56
CA ASP B 175 5.80 31.99 6.40
C ASP B 175 6.24 30.58 5.92
N ARG B 176 5.46 29.57 6.27
CA ARG B 176 5.75 28.21 5.86
C ARG B 176 4.50 27.58 5.32
N ILE B 177 4.69 26.44 4.65
CA ILE B 177 3.58 25.70 4.10
C ILE B 177 3.12 24.78 5.21
N LEU B 178 1.81 24.62 5.36
CA LEU B 178 1.30 23.71 6.39
C LEU B 178 0.37 22.67 5.77
N SER B 179 0.76 21.39 5.91
CA SER B 179 -0.01 20.27 5.35
C SER B 179 -0.15 19.10 6.36
N THR B 180 -1.31 18.47 6.35
CA THR B 180 -1.54 17.37 7.26
C THR B 180 -2.70 16.48 6.84
N ASP B 181 -2.76 15.31 7.46
CA ASP B 181 -3.85 14.38 7.25
C ASP B 181 -4.52 14.45 8.57
N VAL B 182 -5.79 14.82 8.55
CA VAL B 182 -6.50 14.99 9.77
C VAL B 182 -7.14 13.76 10.29
N ASP B 183 -6.86 13.48 11.56
CA ASP B 183 -7.47 12.41 12.29
C ASP B 183 -8.07 13.07 13.56
N ALA B 184 -9.40 13.17 13.56
CA ALA B 184 -10.16 13.75 14.66
C ALA B 184 -11.11 12.71 15.28
N THR B 185 -11.04 12.55 16.58
CA THR B 185 -11.92 11.62 17.26
C THR B 185 -12.67 12.30 18.42
N TRP B 186 -14.01 12.34 18.32
CA TRP B 186 -14.82 12.86 19.44
C TRP B 186 -15.57 11.77 20.18
N GLN B 187 -15.23 11.60 21.44
CA GLN B 187 -15.88 10.63 22.30
C GLN B 187 -17.23 11.14 22.84
N TRP B 188 -18.24 10.27 22.86
CA TRP B 188 -19.58 10.65 23.37
C TRP B 188 -19.71 10.25 24.83
N LYS B 189 -20.60 10.91 25.57
CA LYS B 189 -20.82 10.55 26.98
C LYS B 189 -21.53 9.22 27.01
N ASN B 190 -21.13 8.33 27.93
CA ASN B 190 -21.69 6.99 28.02
C ASN B 190 -23.19 6.93 27.85
N PHE B 191 -23.64 5.95 27.07
CA PHE B 191 -25.05 5.77 26.85
C PHE B 191 -25.52 4.58 27.67
N SER B 192 -26.70 4.68 28.23
CA SER B 192 -27.24 3.60 29.06
C SER B 192 -27.24 2.34 28.19
N GLY B 193 -27.98 2.41 27.08
CA GLY B 193 -28.08 1.32 26.15
C GLY B 193 -28.70 1.83 24.87
N LEU B 194 -29.03 0.92 23.98
CA LEU B 194 -29.63 1.23 22.68
C LEU B 194 -30.72 2.28 22.74
N GLN B 195 -31.57 2.22 23.75
CA GLN B 195 -32.64 3.16 23.84
C GLN B 195 -32.15 4.61 23.92
N GLU B 196 -31.15 4.88 24.77
CA GLU B 196 -30.62 6.23 24.85
C GLU B 196 -30.11 6.63 23.47
N VAL B 197 -29.22 5.79 22.92
CA VAL B 197 -28.64 6.04 21.61
C VAL B 197 -29.65 6.45 20.53
N ARG B 198 -30.67 5.62 20.31
CA ARG B 198 -31.66 5.95 19.27
C ARG B 198 -32.24 7.30 19.52
N SER B 199 -32.31 7.68 20.78
CA SER B 199 -32.87 8.98 21.13
C SER B 199 -32.04 10.13 20.58
N HIS B 200 -30.73 9.90 20.45
CA HIS B 200 -29.77 10.93 20.01
C HIS B 200 -29.33 10.84 18.56
N VAL B 201 -29.90 9.89 17.84
CA VAL B 201 -29.55 9.63 16.46
C VAL B 201 -29.20 10.86 15.64
N PRO B 202 -30.12 11.81 15.52
CA PRO B 202 -29.84 13.02 14.73
C PRO B 202 -28.57 13.77 15.17
N LYS B 203 -28.20 13.65 16.45
CA LYS B 203 -27.02 14.35 16.96
C LYS B 203 -25.70 13.89 16.31
N PHE B 204 -25.67 12.63 15.86
CA PHE B 204 -24.49 12.04 15.27
C PHE B 204 -24.00 12.68 13.95
N ASP B 205 -24.83 12.65 12.91
CA ASP B 205 -24.49 13.23 11.62
C ASP B 205 -24.22 14.72 11.74
N ALA B 206 -24.86 15.35 12.72
CA ALA B 206 -24.72 16.78 12.91
C ALA B 206 -23.39 17.11 13.55
N THR B 207 -22.97 16.26 14.49
CA THR B 207 -21.72 16.43 15.19
C THR B 207 -20.53 16.06 14.31
N TRP B 208 -20.76 15.16 13.35
CA TRP B 208 -19.68 14.78 12.46
C TRP B 208 -19.55 15.92 11.47
N ALA B 209 -20.67 16.33 10.88
CA ALA B 209 -20.66 17.44 9.93
C ALA B 209 -20.12 18.74 10.60
N THR B 210 -20.30 18.84 11.93
CA THR B 210 -19.78 20.00 12.62
C THR B 210 -18.28 19.88 12.75
N ALA B 211 -17.82 18.78 13.37
CA ALA B 211 -16.37 18.53 13.55
C ALA B 211 -15.58 18.76 12.23
N ARG B 212 -16.20 18.39 11.12
CA ARG B 212 -15.56 18.53 9.83
C ARG B 212 -15.44 19.96 9.41
N GLU B 213 -16.53 20.68 9.55
CA GLU B 213 -16.60 22.09 9.20
C GLU B 213 -15.65 22.92 10.07
N VAL B 214 -15.57 22.61 11.36
CA VAL B 214 -14.69 23.34 12.26
C VAL B 214 -13.28 23.15 11.83
N THR B 215 -12.88 21.90 11.72
CA THR B 215 -11.54 21.53 11.29
C THR B 215 -11.11 22.31 10.05
N LEU B 216 -11.88 22.16 8.98
CA LEU B 216 -11.55 22.82 7.73
C LEU B 216 -11.38 24.30 7.93
N LYS B 217 -12.45 24.94 8.44
CA LYS B 217 -12.49 26.36 8.73
C LYS B 217 -11.30 26.80 9.54
N THR B 218 -11.19 26.27 10.74
CA THR B 218 -10.09 26.64 11.63
C THR B 218 -8.73 26.41 11.00
N PHE B 219 -8.61 25.40 10.15
CA PHE B 219 -7.34 25.18 9.52
C PHE B 219 -7.04 26.40 8.66
N ALA B 220 -7.95 26.71 7.75
CA ALA B 220 -7.78 27.79 6.80
C ALA B 220 -7.67 29.27 7.32
N GLU B 221 -8.32 29.57 8.44
CA GLU B 221 -8.35 30.96 8.95
C GLU B 221 -7.33 31.29 10.03
N ASP B 222 -6.88 30.27 10.73
CA ASP B 222 -5.94 30.47 11.80
C ASP B 222 -4.55 30.84 11.25
N ASN B 223 -3.96 31.94 11.77
CA ASN B 223 -2.62 32.34 11.39
C ASN B 223 -1.77 31.52 12.30
N SER B 224 -1.66 30.26 11.94
CA SER B 224 -0.95 29.24 12.76
C SER B 224 0.34 29.57 13.41
N ALA B 225 0.28 29.51 14.75
CA ALA B 225 1.45 29.75 15.58
C ALA B 225 2.21 28.47 15.69
N SER B 226 1.48 27.38 15.58
CA SER B 226 2.03 26.02 15.65
C SER B 226 0.88 25.13 15.26
N VAL B 227 1.17 23.85 15.12
CA VAL B 227 0.13 22.90 14.78
C VAL B 227 -0.67 22.72 16.08
N GLN B 228 0.08 22.65 17.18
CA GLN B 228 -0.47 22.54 18.54
C GLN B 228 -1.58 23.56 18.78
N ALA B 229 -1.23 24.82 18.62
CA ALA B 229 -2.14 25.92 18.82
C ALA B 229 -3.39 25.76 17.99
N THR B 230 -3.24 25.24 16.79
CA THR B 230 -4.37 25.12 15.90
C THR B 230 -5.31 23.98 16.17
N MET B 231 -4.81 22.93 16.82
CA MET B 231 -5.63 21.77 17.17
C MET B 231 -6.54 22.12 18.32
N TYR B 232 -5.94 22.72 19.36
CA TYR B 232 -6.67 23.10 20.55
C TYR B 232 -7.83 23.99 20.20
N LYS B 233 -7.60 24.96 19.32
CA LYS B 233 -8.68 25.84 18.91
C LYS B 233 -9.75 25.03 18.20
N MET B 234 -9.30 24.03 17.43
CA MET B 234 -10.18 23.12 16.68
C MET B 234 -11.03 22.33 17.68
N ALA B 235 -10.34 21.75 18.67
CA ALA B 235 -10.99 20.98 19.71
C ALA B 235 -12.06 21.86 20.32
N GLU B 236 -11.61 22.93 20.98
CA GLU B 236 -12.45 23.91 21.65
C GLU B 236 -13.83 24.12 21.03
N GLN B 237 -13.85 24.52 19.77
CA GLN B 237 -15.11 24.80 19.12
C GLN B 237 -16.05 23.62 19.08
N ILE B 238 -15.49 22.43 18.92
CA ILE B 238 -16.27 21.21 18.88
C ILE B 238 -16.95 20.97 20.22
N LEU B 239 -16.16 20.97 21.28
CA LEU B 239 -16.68 20.76 22.62
C LEU B 239 -17.78 21.74 22.88
N ALA B 240 -17.47 23.01 22.67
CA ALA B 240 -18.44 24.06 22.88
C ALA B 240 -19.68 23.89 21.99
N ARG B 241 -19.53 23.18 20.88
CA ARG B 241 -20.65 23.00 19.96
C ARG B 241 -21.52 21.78 20.25
N GLN B 242 -21.10 20.96 21.22
CA GLN B 242 -21.84 19.75 21.55
C GLN B 242 -21.60 19.30 22.99
N GLN B 243 -22.68 19.27 23.77
CA GLN B 243 -22.64 18.90 25.17
C GLN B 243 -22.39 17.41 25.38
N LEU B 244 -23.02 16.58 24.54
CA LEU B 244 -22.85 15.15 24.66
C LEU B 244 -21.36 14.74 24.66
N ILE B 245 -20.61 15.19 23.62
CA ILE B 245 -19.18 14.90 23.50
C ILE B 245 -18.45 15.26 24.80
N GLU B 246 -17.63 14.32 25.28
CA GLU B 246 -16.86 14.48 26.51
C GLU B 246 -15.46 14.91 26.23
N THR B 247 -14.89 14.43 25.14
CA THR B 247 -13.52 14.79 24.77
C THR B 247 -13.31 14.84 23.29
N VAL B 248 -12.20 15.44 22.90
CA VAL B 248 -11.83 15.55 21.50
C VAL B 248 -10.38 15.23 21.33
N GLU B 249 -10.10 14.35 20.39
CA GLU B 249 -8.73 13.97 20.11
C GLU B 249 -8.32 14.28 18.68
N TYR B 250 -7.12 14.83 18.52
CA TYR B 250 -6.56 15.15 17.22
C TYR B 250 -5.19 14.58 17.14
N SER B 251 -4.91 13.89 16.05
CA SER B 251 -3.60 13.38 15.77
C SER B 251 -3.32 13.90 14.37
N LEU B 252 -2.32 14.77 14.27
CA LEU B 252 -1.98 15.41 13.02
C LEU B 252 -0.54 15.23 12.66
N PRO B 253 -0.30 14.66 11.47
CA PRO B 253 1.06 14.51 10.98
C PRO B 253 1.42 15.81 10.31
N ASN B 254 2.59 16.35 10.63
CA ASN B 254 3.05 17.57 10.01
C ASN B 254 3.86 17.16 8.79
N LYS B 255 3.18 17.14 7.63
CA LYS B 255 3.79 16.76 6.37
C LYS B 255 4.66 17.88 5.82
N HIS B 256 5.98 17.78 5.98
CA HIS B 256 6.88 18.83 5.49
C HIS B 256 7.15 19.08 3.99
N TYR B 257 7.10 20.38 3.61
CA TYR B 257 7.51 20.90 2.29
C TYR B 257 8.80 21.72 2.55
N PHE B 258 9.89 21.32 1.91
CA PHE B 258 11.21 21.96 2.08
C PHE B 258 11.58 22.90 0.95
N GLU B 259 12.13 24.06 1.28
CA GLU B 259 12.56 25.00 0.24
C GLU B 259 13.75 24.44 -0.43
N ILE B 260 13.90 24.78 -1.71
CA ILE B 260 15.05 24.31 -2.45
C ILE B 260 15.95 25.45 -2.88
N ASP B 261 17.17 25.43 -2.38
CA ASP B 261 18.12 26.45 -2.75
C ASP B 261 18.70 26.16 -4.12
N LEU B 262 18.28 26.95 -5.10
CA LEU B 262 18.74 26.80 -6.48
C LEU B 262 19.79 27.85 -6.83
N SER B 263 20.20 28.62 -5.83
CA SER B 263 21.16 29.72 -5.99
C SER B 263 22.54 29.29 -6.60
N TRP B 264 22.91 28.03 -6.40
CA TRP B 264 24.16 27.48 -6.93
C TRP B 264 24.10 27.45 -8.43
N HIS B 265 22.91 27.67 -8.99
CA HIS B 265 22.69 27.61 -10.41
C HIS B 265 22.30 28.96 -10.92
N LYS B 266 23.25 29.63 -11.59
CA LYS B 266 23.01 30.96 -12.16
C LYS B 266 22.36 31.86 -11.13
N GLY B 267 22.76 31.69 -9.87
CA GLY B 267 22.23 32.49 -8.77
C GLY B 267 20.72 32.57 -8.78
N LEU B 268 20.09 31.41 -8.92
CA LEU B 268 18.63 31.34 -8.94
C LEU B 268 18.06 31.61 -7.55
N GLN B 269 17.06 32.47 -7.51
CA GLN B 269 16.43 32.83 -6.24
C GLN B 269 15.18 32.02 -5.98
N ASN B 270 15.28 31.02 -5.11
CA ASN B 270 14.11 30.18 -4.79
C ASN B 270 13.92 29.97 -3.29
N THR B 271 14.47 30.86 -2.49
CA THR B 271 14.34 30.72 -1.04
C THR B 271 13.74 31.95 -0.38
N GLY B 272 13.25 31.79 0.85
CA GLY B 272 12.62 32.89 1.55
C GLY B 272 11.45 33.45 0.72
N LYS B 273 11.42 34.77 0.58
CA LYS B 273 10.36 35.45 -0.13
C LYS B 273 10.32 35.11 -1.62
N ASN B 274 11.33 34.41 -2.12
CA ASN B 274 11.35 34.04 -3.53
C ASN B 274 10.95 32.62 -3.76
N ALA B 275 10.73 31.90 -2.67
CA ALA B 275 10.36 30.50 -2.72
C ALA B 275 9.14 30.23 -3.61
N GLU B 276 9.33 29.36 -4.60
CA GLU B 276 8.25 29.00 -5.49
C GLU B 276 8.14 27.50 -5.62
N VAL B 277 9.30 26.86 -5.74
CA VAL B 277 9.37 25.42 -5.92
C VAL B 277 9.90 24.77 -4.66
N PHE B 278 9.10 23.83 -4.12
CA PHE B 278 9.45 23.07 -2.93
C PHE B 278 9.53 21.61 -3.22
N ALA B 279 10.12 20.89 -2.28
CA ALA B 279 10.27 19.47 -2.35
C ALA B 279 9.44 18.87 -1.26
N PRO B 280 8.27 18.35 -1.58
CA PRO B 280 7.47 17.69 -0.53
C PRO B 280 8.34 16.54 0.03
N GLN B 281 8.33 16.35 1.35
CA GLN B 281 9.08 15.22 1.94
C GLN B 281 8.12 14.17 2.37
N SER B 282 8.37 12.94 1.92
CA SER B 282 7.58 11.77 2.29
C SER B 282 7.84 11.40 3.76
N ASP B 283 9.04 11.70 4.24
CA ASP B 283 9.41 11.39 5.61
C ASP B 283 10.78 11.95 5.90
N PRO B 284 11.09 12.20 7.17
CA PRO B 284 10.16 11.91 8.27
C PRO B 284 9.05 12.87 8.30
N ASN B 285 8.24 12.80 9.34
CA ASN B 285 7.14 13.74 9.48
C ASN B 285 6.89 14.01 10.95
N GLY B 286 6.30 15.16 11.22
CA GLY B 286 5.99 15.50 12.59
C GLY B 286 4.64 14.88 12.94
N LEU B 287 4.51 14.47 14.19
CA LEU B 287 3.28 13.88 14.71
C LEU B 287 2.93 14.68 15.97
N ILE B 288 1.73 15.17 16.04
CA ILE B 288 1.33 15.97 17.15
C ILE B 288 -0.08 15.60 17.53
N LYS B 289 -0.23 15.05 18.72
CA LYS B 289 -1.56 14.67 19.20
C LYS B 289 -1.91 15.44 20.45
N CYS B 290 -3.16 15.34 20.83
CA CYS B 290 -3.64 15.96 22.02
C CYS B 290 -5.13 15.76 22.21
N THR B 291 -5.48 15.34 23.42
CA THR B 291 -6.86 15.16 23.83
C THR B 291 -7.34 16.40 24.60
N VAL B 292 -8.54 16.84 24.29
CA VAL B 292 -9.08 18.02 24.91
C VAL B 292 -10.41 17.77 25.63
N GLY B 293 -10.36 17.77 26.97
CA GLY B 293 -11.57 17.57 27.79
C GLY B 293 -12.03 18.90 28.42
N ARG B 294 -13.12 18.85 29.20
CA ARG B 294 -13.67 20.05 29.87
C ARG B 294 -13.25 20.13 31.33
N SER B 295 -13.06 21.36 31.83
N ALA C 2 -12.87 3.45 -34.60
CA ALA C 2 -12.80 1.99 -34.70
C ALA C 2 -11.97 1.40 -33.57
N VAL C 3 -12.25 0.15 -33.23
CA VAL C 3 -11.52 -0.53 -32.18
C VAL C 3 -10.16 -0.95 -32.69
N LYS C 4 -9.16 -0.12 -32.43
CA LYS C 4 -7.81 -0.41 -32.87
C LYS C 4 -7.26 -1.60 -32.11
N ALA C 5 -7.88 -1.91 -30.97
CA ALA C 5 -7.43 -3.01 -30.12
C ALA C 5 -8.35 -3.24 -28.94
N ALA C 6 -8.44 -4.48 -28.51
CA ALA C 6 -9.22 -4.78 -27.35
C ALA C 6 -8.83 -6.10 -26.75
N ARG C 7 -8.72 -6.11 -25.43
CA ARG C 7 -8.51 -7.32 -24.63
C ARG C 7 -9.28 -7.18 -23.33
N TYR C 8 -9.65 -8.33 -22.78
CA TYR C 8 -10.40 -8.38 -21.56
C TYR C 8 -10.19 -9.77 -20.96
N GLY C 9 -10.51 -9.90 -19.67
CA GLY C 9 -10.36 -11.16 -18.97
C GLY C 9 -10.53 -10.92 -17.50
N LYS C 10 -9.93 -11.77 -16.72
CA LYS C 10 -10.05 -11.69 -15.28
C LYS C 10 -8.69 -11.41 -14.70
N ASP C 11 -8.63 -10.51 -13.73
CA ASP C 11 -7.39 -10.18 -13.03
C ASP C 11 -7.48 -10.52 -11.54
N ASN C 12 -6.31 -10.69 -10.92
CA ASN C 12 -6.19 -10.93 -9.49
C ASN C 12 -6.88 -12.15 -9.03
N VAL C 13 -6.65 -13.24 -9.75
CA VAL C 13 -7.23 -14.53 -9.40
C VAL C 13 -6.23 -15.35 -8.53
N ARG C 14 -6.51 -15.41 -7.25
CA ARG C 14 -5.65 -16.10 -6.35
C ARG C 14 -5.97 -17.55 -6.43
N VAL C 15 -4.95 -18.35 -6.48
CA VAL C 15 -5.09 -19.77 -6.59
C VAL C 15 -4.06 -20.39 -5.66
N TYR C 16 -4.47 -21.46 -4.98
CA TYR C 16 -3.62 -22.20 -4.09
C TYR C 16 -3.83 -23.66 -4.44
N LYS C 17 -2.74 -24.40 -4.56
CA LYS C 17 -2.83 -25.79 -4.91
C LYS C 17 -1.88 -26.55 -4.02
N VAL C 18 -2.36 -27.68 -3.50
CA VAL C 18 -1.53 -28.48 -2.65
C VAL C 18 -1.19 -29.79 -3.33
N HIS C 19 -0.03 -30.31 -3.04
CA HIS C 19 0.39 -31.58 -3.57
C HIS C 19 0.70 -32.49 -2.39
N LYS C 20 -0.11 -33.53 -2.20
CA LYS C 20 0.05 -34.47 -1.10
C LYS C 20 0.71 -35.80 -1.50
N ASP C 21 1.97 -36.01 -1.13
CA ASP C 21 2.64 -37.27 -1.46
C ASP C 21 2.17 -38.44 -0.60
N GLU C 22 1.69 -39.51 -1.27
CA GLU C 22 1.21 -40.72 -0.57
C GLU C 22 2.33 -41.34 0.25
N LYS C 23 3.38 -41.78 -0.42
CA LYS C 23 4.54 -42.36 0.23
C LYS C 23 5.01 -41.43 1.38
N THR C 24 5.92 -40.52 1.07
CA THR C 24 6.48 -39.61 2.08
C THR C 24 5.52 -38.95 3.06
N GLY C 25 4.31 -38.66 2.60
CA GLY C 25 3.32 -37.99 3.47
C GLY C 25 3.54 -36.47 3.38
N VAL C 26 4.72 -36.10 2.89
CA VAL C 26 5.12 -34.72 2.70
C VAL C 26 4.15 -33.97 1.72
N GLN C 27 3.81 -32.73 2.08
CA GLN C 27 2.93 -31.91 1.27
C GLN C 27 3.68 -30.69 0.70
N THR C 28 3.26 -30.23 -0.48
CA THR C 28 3.89 -29.09 -1.13
C THR C 28 2.84 -28.08 -1.63
N VAL C 29 2.87 -26.88 -1.05
CA VAL C 29 1.93 -25.85 -1.42
C VAL C 29 2.47 -24.90 -2.49
N TYR C 30 1.55 -24.36 -3.28
CA TYR C 30 1.84 -23.43 -4.35
C TYR C 30 0.79 -22.35 -4.31
N GLU C 31 1.21 -21.10 -4.35
CA GLU C 31 0.29 -20.00 -4.35
C GLU C 31 0.67 -18.95 -5.39
N MET C 32 -0.34 -18.38 -6.03
CA MET C 32 -0.09 -17.47 -7.09
C MET C 32 -1.30 -16.66 -7.39
N THR C 33 -1.09 -15.59 -8.12
CA THR C 33 -2.17 -14.68 -8.54
C THR C 33 -2.14 -14.70 -10.04
N VAL C 34 -3.30 -14.94 -10.64
CA VAL C 34 -3.36 -15.05 -12.10
C VAL C 34 -4.24 -14.02 -12.78
N CYS C 35 -3.87 -13.67 -14.02
CA CYS C 35 -4.65 -12.76 -14.85
C CYS C 35 -4.60 -13.29 -16.30
N VAL C 36 -5.78 -13.42 -16.90
CA VAL C 36 -5.90 -13.84 -18.29
C VAL C 36 -6.66 -12.78 -19.04
N LEU C 37 -6.02 -12.27 -20.08
CA LEU C 37 -6.62 -11.25 -20.93
C LEU C 37 -6.80 -11.91 -22.27
N LEU C 38 -8.01 -11.86 -22.79
CA LEU C 38 -8.32 -12.47 -24.09
C LEU C 38 -8.38 -11.45 -25.24
N GLU C 39 -8.17 -11.96 -26.45
CA GLU C 39 -8.21 -11.16 -27.69
C GLU C 39 -8.83 -12.02 -28.82
N GLY C 40 -9.26 -11.35 -29.89
CA GLY C 40 -9.86 -12.06 -31.04
C GLY C 40 -10.91 -11.18 -31.71
N GLU C 41 -11.88 -11.81 -32.36
CA GLU C 41 -12.94 -11.06 -33.04
C GLU C 41 -14.06 -10.77 -32.04
N ILE C 42 -13.87 -9.69 -31.27
CA ILE C 42 -14.80 -9.32 -30.23
C ILE C 42 -15.19 -7.83 -30.26
N GLU C 43 -14.93 -7.17 -31.38
CA GLU C 43 -15.28 -5.75 -31.50
C GLU C 43 -16.78 -5.50 -31.31
N THR C 44 -17.59 -6.31 -31.98
CA THR C 44 -19.05 -6.17 -31.91
C THR C 44 -19.63 -6.10 -30.49
N SER C 45 -18.85 -6.52 -29.50
CA SER C 45 -19.30 -6.44 -28.11
C SER C 45 -19.13 -4.98 -27.67
N TYR C 46 -18.19 -4.29 -28.30
CA TYR C 46 -17.89 -2.89 -28.01
C TYR C 46 -18.78 -1.98 -28.85
N THR C 47 -18.77 -2.26 -30.15
CA THR C 47 -19.50 -1.49 -31.15
C THR C 47 -21.01 -1.73 -31.09
N LYS C 48 -21.44 -2.88 -31.59
CA LYS C 48 -22.87 -3.23 -31.62
C LYS C 48 -23.45 -3.78 -30.31
N ALA C 49 -22.64 -3.77 -29.23
CA ALA C 49 -23.07 -4.29 -27.91
C ALA C 49 -23.59 -5.76 -27.93
N ASP C 50 -22.90 -6.61 -28.66
CA ASP C 50 -23.25 -8.02 -28.81
C ASP C 50 -22.48 -8.92 -27.82
N ASN C 51 -23.15 -9.36 -26.76
CA ASN C 51 -22.54 -10.19 -25.75
C ASN C 51 -22.38 -11.64 -26.18
N SER C 52 -22.65 -11.93 -27.45
CA SER C 52 -22.55 -13.31 -27.93
C SER C 52 -21.11 -13.80 -27.98
N VAL C 53 -20.23 -12.91 -28.38
CA VAL C 53 -18.83 -13.19 -28.56
C VAL C 53 -18.04 -13.02 -27.27
N ILE C 54 -18.72 -12.64 -26.19
CA ILE C 54 -18.05 -12.41 -24.93
C ILE C 54 -18.00 -13.64 -24.02
N VAL C 55 -16.81 -14.20 -23.80
CA VAL C 55 -16.67 -15.30 -22.84
C VAL C 55 -16.69 -14.51 -21.55
N ALA C 56 -17.60 -14.82 -20.65
CA ALA C 56 -17.69 -14.04 -19.42
C ALA C 56 -16.38 -14.14 -18.63
N THR C 57 -15.96 -13.02 -18.04
CA THR C 57 -14.75 -13.00 -17.27
C THR C 57 -14.86 -14.07 -16.17
N ASP C 58 -16.05 -14.22 -15.63
CA ASP C 58 -16.31 -15.23 -14.63
C ASP C 58 -15.96 -16.62 -15.15
N SER C 59 -16.28 -16.89 -16.41
CA SER C 59 -15.98 -18.19 -16.98
C SER C 59 -14.50 -18.37 -17.12
N ILE C 60 -13.78 -17.25 -17.23
CA ILE C 60 -12.33 -17.33 -17.31
C ILE C 60 -11.84 -17.76 -15.91
N LYS C 61 -12.38 -17.13 -14.89
CA LYS C 61 -12.01 -17.48 -13.53
C LYS C 61 -12.20 -18.99 -13.28
N ASN C 62 -13.35 -19.51 -13.68
CA ASN C 62 -13.66 -20.95 -13.55
C ASN C 62 -12.60 -21.75 -14.28
N THR C 63 -12.37 -21.37 -15.53
CA THR C 63 -11.39 -22.07 -16.35
C THR C 63 -10.00 -22.19 -15.68
N ILE C 64 -9.60 -21.13 -14.99
CA ILE C 64 -8.31 -21.09 -14.29
C ILE C 64 -8.25 -22.17 -13.20
N TYR C 65 -9.25 -22.20 -12.34
CA TYR C 65 -9.31 -23.17 -11.27
C TYR C 65 -9.36 -24.56 -11.84
N ILE C 66 -10.26 -24.78 -12.80
CA ILE C 66 -10.38 -26.09 -13.45
C ILE C 66 -9.03 -26.54 -13.95
N THR C 67 -8.41 -25.69 -14.76
CA THR C 67 -7.11 -25.97 -15.34
C THR C 67 -6.11 -26.31 -14.31
N ALA C 68 -6.10 -25.52 -13.24
CA ALA C 68 -5.14 -25.71 -12.16
C ALA C 68 -5.35 -27.03 -11.52
N LYS C 69 -6.56 -27.55 -11.65
CA LYS C 69 -6.95 -28.81 -11.04
C LYS C 69 -6.49 -30.02 -11.85
N GLN C 70 -6.63 -29.95 -13.16
CA GLN C 70 -6.27 -31.06 -14.02
C GLN C 70 -4.79 -31.12 -14.40
N ASN C 71 -4.08 -30.00 -14.22
CA ASN C 71 -2.67 -29.89 -14.61
C ASN C 71 -1.78 -29.42 -13.50
N PRO C 72 -0.47 -29.61 -13.69
CA PRO C 72 0.51 -29.11 -12.71
C PRO C 72 0.57 -27.56 -12.87
N VAL C 73 0.79 -26.86 -11.76
CA VAL C 73 0.80 -25.41 -11.77
C VAL C 73 2.19 -24.90 -11.77
N THR C 74 3.16 -25.82 -11.76
CA THR C 74 4.57 -25.49 -11.74
C THR C 74 5.23 -26.36 -12.82
N PRO C 75 6.18 -25.81 -13.58
CA PRO C 75 6.59 -24.43 -13.46
C PRO C 75 5.57 -23.52 -14.12
N PRO C 76 5.57 -22.28 -13.67
CA PRO C 76 4.65 -21.26 -14.14
C PRO C 76 4.65 -21.11 -15.67
N GLU C 77 5.84 -21.18 -16.26
CA GLU C 77 6.00 -21.07 -17.73
C GLU C 77 5.11 -22.11 -18.44
N LEU C 78 5.09 -23.33 -17.91
CA LEU C 78 4.26 -24.40 -18.46
C LEU C 78 2.79 -24.17 -18.16
N PHE C 79 2.48 -24.00 -16.87
CA PHE C 79 1.08 -23.77 -16.47
C PHE C 79 0.43 -22.69 -17.30
N GLY C 80 1.14 -21.56 -17.44
CA GLY C 80 0.68 -20.41 -18.23
C GLY C 80 0.46 -20.78 -19.67
N SER C 81 1.33 -21.62 -20.23
CA SER C 81 1.16 -22.05 -21.62
C SER C 81 -0.09 -22.92 -21.79
N ILE C 82 -0.25 -23.90 -20.92
CA ILE C 82 -1.40 -24.81 -20.99
C ILE C 82 -2.67 -23.98 -21.02
N LEU C 83 -2.74 -23.08 -20.06
CA LEU C 83 -3.89 -22.23 -19.85
C LEU C 83 -4.13 -21.28 -21.02
N GLY C 84 -3.08 -20.68 -21.55
CA GLY C 84 -3.23 -19.78 -22.68
C GLY C 84 -3.67 -20.58 -23.92
N THR C 85 -3.08 -21.77 -24.09
CA THR C 85 -3.37 -22.65 -25.23
C THR C 85 -4.83 -23.03 -25.27
N HIS C 86 -5.34 -23.42 -24.12
CA HIS C 86 -6.72 -23.79 -23.99
C HIS C 86 -7.66 -22.78 -24.61
N PHE C 87 -7.55 -21.55 -24.18
CA PHE C 87 -8.46 -20.53 -24.67
C PHE C 87 -8.48 -20.37 -26.20
N ILE C 88 -7.30 -20.37 -26.84
CA ILE C 88 -7.27 -20.17 -28.30
C ILE C 88 -7.80 -21.36 -29.07
N GLU C 89 -7.67 -22.53 -28.47
CA GLU C 89 -8.15 -23.77 -29.07
C GLU C 89 -9.61 -24.00 -28.80
N LYS C 90 -10.07 -23.56 -27.64
CA LYS C 90 -11.45 -23.80 -27.26
C LYS C 90 -12.46 -22.83 -27.89
N TYR C 91 -11.99 -21.68 -28.32
CA TYR C 91 -12.86 -20.69 -28.93
C TYR C 91 -12.33 -20.23 -30.28
N ASN C 92 -13.19 -20.29 -31.28
CA ASN C 92 -12.80 -19.90 -32.64
C ASN C 92 -12.56 -18.41 -32.83
N HIS C 93 -13.36 -17.58 -32.18
CA HIS C 93 -13.15 -16.13 -32.29
C HIS C 93 -12.02 -15.63 -31.38
N ILE C 94 -11.50 -16.51 -30.53
CA ILE C 94 -10.41 -16.13 -29.64
C ILE C 94 -9.09 -16.53 -30.30
N HIS C 95 -8.27 -15.55 -30.66
CA HIS C 95 -7.01 -15.84 -31.31
C HIS C 95 -5.78 -15.63 -30.43
N ALA C 96 -5.87 -14.71 -29.48
CA ALA C 96 -4.73 -14.46 -28.61
C ALA C 96 -5.12 -14.52 -27.15
N ALA C 97 -4.25 -15.08 -26.34
CA ALA C 97 -4.48 -15.20 -24.90
C ALA C 97 -3.28 -14.70 -24.16
N HIS C 98 -3.48 -13.75 -23.26
CA HIS C 98 -2.39 -13.23 -22.48
C HIS C 98 -2.52 -13.61 -21.03
N VAL C 99 -1.53 -14.34 -20.55
CA VAL C 99 -1.56 -14.88 -19.23
C VAL C 99 -0.41 -14.39 -18.39
N ASN C 100 -0.74 -13.75 -17.28
CA ASN C 100 0.24 -13.29 -16.36
C ASN C 100 0.15 -14.12 -15.06
N ILE C 101 1.29 -14.50 -14.49
CA ILE C 101 1.31 -15.26 -13.25
C ILE C 101 2.37 -14.76 -12.32
N VAL C 102 1.97 -14.54 -11.07
CA VAL C 102 2.87 -14.07 -10.02
C VAL C 102 2.85 -15.14 -8.99
N CYS C 103 4.01 -15.73 -8.75
CA CYS C 103 4.12 -16.86 -7.82
C CYS C 103 4.62 -16.38 -6.49
N HIS C 104 3.85 -16.61 -5.45
CA HIS C 104 4.22 -16.21 -4.09
C HIS C 104 5.09 -17.23 -3.37
N ARG C 105 5.90 -16.81 -2.44
CA ARG C 105 6.75 -17.76 -1.76
C ARG C 105 6.13 -18.36 -0.54
N TRP C 106 6.23 -19.67 -0.48
CA TRP C 106 5.78 -20.44 0.64
C TRP C 106 6.94 -21.39 0.78
N THR C 107 7.91 -21.00 1.58
CA THR C 107 9.11 -21.81 1.77
C THR C 107 8.92 -22.79 2.94
N ARG C 108 9.33 -24.03 2.73
CA ARG C 108 9.18 -25.05 3.76
C ARG C 108 10.01 -24.74 5.00
N MET C 109 9.33 -24.67 6.15
CA MET C 109 9.98 -24.41 7.44
C MET C 109 10.94 -25.53 7.70
N ASP C 110 11.98 -25.23 8.49
CA ASP C 110 12.99 -26.21 8.95
C ASP C 110 12.85 -26.17 10.46
N ILE C 111 12.24 -27.19 11.06
CA ILE C 111 12.10 -27.23 12.50
C ILE C 111 13.09 -28.23 13.09
N ASP C 112 14.00 -27.74 13.92
CA ASP C 112 15.03 -28.58 14.54
C ASP C 112 15.99 -29.12 13.50
N GLY C 113 16.30 -28.31 12.50
CA GLY C 113 17.22 -28.72 11.45
C GLY C 113 16.62 -29.66 10.37
N LYS C 114 15.38 -30.10 10.57
CA LYS C 114 14.74 -30.97 9.59
C LYS C 114 13.61 -30.25 8.85
N PRO C 115 13.39 -30.64 7.60
CA PRO C 115 12.40 -29.99 6.75
C PRO C 115 11.02 -30.44 7.07
N HIS C 116 10.26 -29.59 7.75
CA HIS C 116 8.91 -29.96 8.12
C HIS C 116 8.07 -30.32 6.91
N PRO C 117 7.15 -31.27 7.09
CA PRO C 117 6.33 -31.81 6.00
C PRO C 117 5.15 -31.00 5.47
N HIS C 118 4.60 -30.12 6.29
CA HIS C 118 3.46 -29.34 5.87
C HIS C 118 3.37 -27.95 6.52
N SER C 119 4.52 -27.34 6.76
CA SER C 119 4.54 -26.02 7.33
C SER C 119 5.49 -25.14 6.58
N PHE C 120 4.94 -24.06 6.05
CA PHE C 120 5.68 -23.15 5.23
C PHE C 120 5.62 -21.76 5.79
N ILE C 121 6.58 -20.95 5.34
CA ILE C 121 6.71 -19.56 5.78
C ILE C 121 6.91 -18.70 4.53
N ARG C 122 6.40 -17.50 4.55
CA ARG C 122 6.59 -16.58 3.44
C ARG C 122 7.90 -15.87 3.79
N ASP C 123 8.98 -16.37 3.24
CA ASP C 123 10.30 -15.91 3.57
C ASP C 123 10.83 -14.78 2.69
N SER C 124 9.93 -14.04 2.05
CA SER C 124 10.31 -12.94 1.17
C SER C 124 9.07 -12.45 0.42
N GLU C 125 9.06 -11.17 0.09
CA GLU C 125 7.97 -10.62 -0.69
C GLU C 125 8.41 -10.71 -2.13
N GLU C 126 9.52 -11.42 -2.34
CA GLU C 126 10.08 -11.63 -3.67
C GLU C 126 9.12 -12.47 -4.49
N LYS C 127 8.93 -12.09 -5.75
CA LYS C 127 8.06 -12.84 -6.62
C LYS C 127 8.86 -13.44 -7.77
N ARG C 128 8.32 -14.47 -8.37
CA ARG C 128 8.86 -15.06 -9.57
C ARG C 128 7.64 -15.01 -10.48
N ASN C 129 7.77 -14.43 -11.68
CA ASN C 129 6.61 -14.27 -12.54
C ASN C 129 6.77 -14.75 -13.96
N VAL C 130 5.65 -14.77 -14.68
CA VAL C 130 5.64 -15.13 -16.09
C VAL C 130 4.50 -14.47 -16.80
N GLN C 131 4.81 -14.02 -18.00
CA GLN C 131 3.92 -13.37 -18.93
C GLN C 131 4.05 -14.29 -20.14
N VAL C 132 2.98 -14.98 -20.43
CA VAL C 132 2.95 -15.92 -21.53
C VAL C 132 1.97 -15.39 -22.52
N ASP C 133 2.39 -15.23 -23.77
CA ASP C 133 1.48 -14.76 -24.80
C ASP C 133 1.24 -15.87 -25.80
N VAL C 134 -0.01 -16.37 -25.85
CA VAL C 134 -0.37 -17.47 -26.73
C VAL C 134 -1.17 -16.94 -27.90
N VAL C 135 -0.56 -16.92 -29.08
CA VAL C 135 -1.21 -16.37 -30.24
C VAL C 135 -1.51 -17.43 -31.26
N GLU C 136 -2.65 -17.28 -31.91
CA GLU C 136 -3.04 -18.22 -32.94
C GLU C 136 -2.00 -18.18 -34.09
N GLY C 137 -1.41 -19.35 -34.37
CA GLY C 137 -0.41 -19.50 -35.42
C GLY C 137 0.80 -18.56 -35.30
N LYS C 138 1.24 -18.29 -34.08
CA LYS C 138 2.40 -17.44 -33.88
C LYS C 138 3.22 -17.99 -32.72
N GLY C 139 2.71 -19.06 -32.14
CA GLY C 139 3.38 -19.75 -31.05
C GLY C 139 3.17 -19.10 -29.68
N ILE C 140 3.92 -19.60 -28.71
CA ILE C 140 3.86 -19.12 -27.37
C ILE C 140 5.07 -18.25 -27.04
N ASP C 141 4.79 -17.03 -26.63
CA ASP C 141 5.85 -16.13 -26.25
C ASP C 141 5.89 -16.07 -24.72
N ILE C 142 7.03 -16.41 -24.16
CA ILE C 142 7.18 -16.47 -22.73
C ILE C 142 8.27 -15.56 -22.20
N LYS C 143 7.88 -14.70 -21.26
CA LYS C 143 8.78 -13.81 -20.57
C LYS C 143 8.79 -14.29 -19.12
N SER C 144 9.95 -14.74 -18.64
CA SER C 144 10.11 -15.19 -17.27
C SER C 144 10.82 -14.07 -16.52
N SER C 145 10.56 -13.94 -15.23
CA SER C 145 11.19 -12.87 -14.47
C SER C 145 11.21 -13.13 -13.00
N LEU C 146 11.95 -12.30 -12.27
CA LEU C 146 11.94 -12.28 -10.82
C LEU C 146 11.78 -10.80 -10.50
N SER C 147 11.34 -10.48 -9.31
CA SER C 147 11.09 -9.11 -9.01
C SER C 147 10.96 -9.06 -7.52
N GLY C 148 11.06 -7.85 -6.95
CA GLY C 148 10.93 -7.69 -5.51
C GLY C 148 12.04 -8.35 -4.72
N LEU C 149 13.23 -8.39 -5.30
CA LEU C 149 14.40 -8.96 -4.65
C LEU C 149 15.20 -7.75 -4.26
N THR C 150 15.07 -7.37 -2.99
CA THR C 150 15.72 -6.16 -2.42
C THR C 150 17.09 -6.46 -1.80
N VAL C 151 18.11 -5.82 -2.33
CA VAL C 151 19.46 -6.04 -1.84
C VAL C 151 20.22 -4.75 -1.51
N LEU C 152 21.31 -4.90 -0.77
CA LEU C 152 22.13 -3.76 -0.39
C LEU C 152 23.58 -4.19 -0.15
N LYS C 153 24.50 -3.31 -0.50
CA LYS C 153 25.89 -3.53 -0.17
C LYS C 153 26.39 -2.22 0.44
N SER C 154 27.05 -2.32 1.59
CA SER C 154 27.53 -1.15 2.36
C SER C 154 28.83 -0.56 1.84
N THR C 155 29.41 -1.17 0.84
CA THR C 155 30.65 -0.68 0.31
C THR C 155 30.95 -1.38 -1.00
N ASN C 156 32.09 -1.11 -1.59
CA ASN C 156 32.43 -1.72 -2.86
C ASN C 156 31.47 -1.28 -3.93
N SER C 157 31.17 0.01 -3.92
CA SER C 157 30.35 0.64 -4.94
C SER C 157 30.87 2.04 -5.06
N GLN C 158 31.07 2.48 -6.30
CA GLN C 158 31.54 3.83 -6.56
C GLN C 158 30.73 4.50 -7.66
N PHE C 159 30.87 5.81 -7.76
CA PHE C 159 30.23 6.56 -8.82
C PHE C 159 30.97 7.87 -9.00
N TRP C 160 31.76 7.91 -10.06
CA TRP C 160 32.56 9.08 -10.37
C TRP C 160 32.82 9.13 -11.86
N GLY C 161 33.49 10.17 -12.30
CA GLY C 161 33.83 10.33 -13.71
C GLY C 161 32.62 10.72 -14.57
N PHE C 162 31.48 10.92 -13.92
CA PHE C 162 30.27 11.23 -14.67
C PHE C 162 30.35 12.61 -15.26
N LEU C 163 29.37 12.94 -16.10
CA LEU C 163 29.33 14.23 -16.72
C LEU C 163 29.08 15.30 -15.67
N ARG C 164 29.78 16.42 -15.76
CA ARG C 164 29.59 17.52 -14.80
C ARG C 164 29.34 18.81 -15.53
N ASP C 165 28.27 19.50 -15.17
CA ASP C 165 27.98 20.78 -15.80
C ASP C 165 27.27 21.71 -14.84
N GLU C 166 26.71 22.81 -15.37
CA GLU C 166 26.07 23.79 -14.54
C GLU C 166 24.81 23.29 -13.81
N TYR C 167 24.39 22.06 -14.11
CA TYR C 167 23.21 21.41 -13.49
C TYR C 167 23.66 20.35 -12.46
N THR C 168 24.98 20.11 -12.42
CA THR C 168 25.59 19.10 -11.56
C THR C 168 26.03 19.63 -10.21
N THR C 169 25.65 18.92 -9.14
CA THR C 169 26.05 19.27 -7.78
C THR C 169 26.51 17.99 -7.05
N LEU C 170 26.29 16.84 -7.69
CA LEU C 170 26.67 15.56 -7.10
C LEU C 170 28.21 15.35 -7.01
N LYS C 171 28.70 15.14 -5.80
CA LYS C 171 30.13 14.94 -5.59
C LYS C 171 30.56 13.52 -5.92
N GLU C 172 31.66 13.40 -6.67
CA GLU C 172 32.18 12.10 -7.04
C GLU C 172 32.50 11.31 -5.79
N THR C 173 32.35 10.00 -5.88
CA THR C 173 32.55 9.17 -4.72
C THR C 173 33.23 7.88 -5.10
N TRP C 174 34.05 7.37 -4.21
CA TRP C 174 34.77 6.10 -4.47
C TRP C 174 34.29 5.01 -3.53
N ASP C 175 33.33 5.37 -2.69
CA ASP C 175 32.72 4.44 -1.78
C ASP C 175 31.35 4.93 -1.37
N ARG C 176 30.32 4.11 -1.67
CA ARG C 176 28.94 4.44 -1.30
C ARG C 176 28.14 3.18 -1.09
N ILE C 177 27.01 3.35 -0.42
CA ILE C 177 26.05 2.29 -0.24
C ILE C 177 25.32 2.12 -1.60
N LEU C 178 24.92 0.91 -1.91
CA LEU C 178 24.18 0.65 -3.15
C LEU C 178 23.06 -0.27 -2.73
N SER C 179 21.83 0.09 -3.10
CA SER C 179 20.64 -0.68 -2.73
C SER C 179 19.59 -0.58 -3.80
N THR C 180 19.05 -1.70 -4.19
CA THR C 180 18.12 -1.68 -5.27
C THR C 180 17.10 -2.76 -5.11
N ASP C 181 16.09 -2.73 -5.97
CA ASP C 181 15.05 -3.77 -5.97
C ASP C 181 15.24 -4.41 -7.28
N VAL C 182 15.52 -5.68 -7.32
CA VAL C 182 15.78 -6.22 -8.59
C VAL C 182 14.59 -6.65 -9.38
N ASP C 183 14.50 -6.16 -10.58
CA ASP C 183 13.50 -6.57 -11.50
C ASP C 183 14.27 -7.06 -12.71
N ALA C 184 14.18 -8.35 -12.97
CA ALA C 184 14.97 -9.01 -14.02
C ALA C 184 14.07 -9.90 -14.87
N THR C 185 14.17 -9.76 -16.18
CA THR C 185 13.30 -10.48 -17.10
C THR C 185 14.10 -11.13 -18.22
N TRP C 186 13.83 -12.40 -18.48
CA TRP C 186 14.50 -13.10 -19.55
C TRP C 186 13.49 -13.64 -20.50
N GLN C 187 13.55 -13.17 -21.73
CA GLN C 187 12.61 -13.59 -22.76
C GLN C 187 13.10 -14.85 -23.49
N TRP C 188 12.29 -15.90 -23.46
CA TRP C 188 12.64 -17.15 -24.12
C TRP C 188 12.41 -17.02 -25.60
N LYS C 189 13.15 -17.84 -26.36
CA LYS C 189 12.98 -17.91 -27.79
C LYS C 189 11.54 -18.32 -27.98
N ASN C 190 10.91 -17.91 -29.07
CA ASN C 190 9.51 -18.28 -29.27
C ASN C 190 9.33 -19.80 -29.32
N PHE C 191 8.13 -20.26 -29.02
CA PHE C 191 7.86 -21.68 -28.99
C PHE C 191 6.67 -21.97 -29.89
N SER C 192 6.84 -22.96 -30.74
CA SER C 192 5.83 -23.36 -31.71
C SER C 192 4.50 -23.56 -31.02
N GLY C 193 4.52 -24.30 -29.92
CA GLY C 193 3.30 -24.58 -29.21
C GLY C 193 3.61 -25.36 -27.95
N LEU C 194 2.54 -25.87 -27.36
CA LEU C 194 2.61 -26.58 -26.11
C LEU C 194 3.63 -27.72 -26.06
N GLN C 195 3.84 -28.38 -27.18
CA GLN C 195 4.75 -29.52 -27.22
C GLN C 195 6.19 -29.10 -26.99
N GLU C 196 6.59 -28.05 -27.69
CA GLU C 196 7.94 -27.58 -27.51
C GLU C 196 8.12 -27.14 -26.10
N VAL C 197 7.09 -26.53 -25.52
CA VAL C 197 7.23 -26.09 -24.14
C VAL C 197 7.47 -27.26 -23.22
N ARG C 198 6.60 -28.27 -23.31
CA ARG C 198 6.71 -29.44 -22.44
C ARG C 198 8.09 -30.03 -22.56
N SER C 199 8.66 -29.98 -23.77
CA SER C 199 10.00 -30.51 -24.01
C SER C 199 11.12 -29.77 -23.29
N HIS C 200 10.89 -28.51 -22.94
CA HIS C 200 11.94 -27.72 -22.23
C HIS C 200 11.69 -27.48 -20.77
N VAL C 201 10.55 -27.96 -20.30
CA VAL C 201 10.13 -27.82 -18.90
C VAL C 201 11.25 -27.82 -17.82
N PRO C 202 12.26 -28.66 -17.98
CA PRO C 202 13.35 -28.68 -16.97
C PRO C 202 14.22 -27.39 -17.01
N LYS C 203 14.25 -26.74 -18.17
CA LYS C 203 15.04 -25.51 -18.36
C LYS C 203 14.53 -24.31 -17.55
N PHE C 204 13.22 -24.25 -17.39
CA PHE C 204 12.60 -23.17 -16.65
C PHE C 204 13.10 -22.95 -15.23
N ASP C 205 12.79 -23.84 -14.29
CA ASP C 205 13.22 -23.64 -12.89
C ASP C 205 14.71 -23.42 -12.83
N ALA C 206 15.39 -24.06 -13.76
CA ALA C 206 16.83 -24.01 -13.83
C ALA C 206 17.29 -22.63 -14.11
N THR C 207 16.80 -22.10 -15.22
CA THR C 207 17.14 -20.78 -15.69
C THR C 207 16.76 -19.63 -14.69
N TRP C 208 15.72 -19.85 -13.89
CA TRP C 208 15.28 -18.85 -12.93
C TRP C 208 16.21 -18.89 -11.75
N ALA C 209 16.65 -20.09 -11.42
CA ALA C 209 17.57 -20.30 -10.28
C ALA C 209 18.89 -19.67 -10.64
N THR C 210 19.26 -19.82 -11.89
CA THR C 210 20.50 -19.28 -12.41
C THR C 210 20.47 -17.77 -12.40
N ALA C 211 19.40 -17.21 -12.94
CA ALA C 211 19.22 -15.76 -13.03
C ALA C 211 19.30 -15.17 -11.64
N ARG C 212 18.68 -15.84 -10.70
CA ARG C 212 18.67 -15.36 -9.34
C ARG C 212 20.06 -15.43 -8.79
N GLU C 213 20.74 -16.52 -9.10
CA GLU C 213 22.11 -16.81 -8.66
C GLU C 213 23.06 -15.75 -9.16
N VAL C 214 23.07 -15.61 -10.46
CA VAL C 214 23.94 -14.67 -11.10
C VAL C 214 23.69 -13.25 -10.66
N THR C 215 22.45 -12.92 -10.33
CA THR C 215 22.16 -11.56 -9.92
C THR C 215 22.80 -11.31 -8.56
N LEU C 216 22.54 -12.22 -7.61
CA LEU C 216 23.08 -12.10 -6.26
C LEU C 216 24.61 -12.01 -6.27
N LYS C 217 25.27 -13.00 -6.88
CA LYS C 217 26.73 -13.03 -6.93
C LYS C 217 27.30 -11.70 -7.46
N THR C 218 27.06 -11.45 -8.74
CA THR C 218 27.52 -10.25 -9.40
C THR C 218 27.25 -8.98 -8.64
N PHE C 219 26.15 -8.93 -7.90
CA PHE C 219 25.87 -7.72 -7.14
C PHE C 219 26.81 -7.63 -5.92
N ALA C 220 27.13 -8.79 -5.36
CA ALA C 220 27.99 -8.88 -4.18
C ALA C 220 29.47 -8.63 -4.54
N GLU C 221 29.91 -9.36 -5.56
CA GLU C 221 31.29 -9.32 -5.97
C GLU C 221 31.73 -8.09 -6.77
N ASP C 222 30.89 -7.60 -7.65
CA ASP C 222 31.28 -6.46 -8.49
C ASP C 222 31.66 -5.16 -7.77
N ASN C 223 32.84 -4.62 -8.08
CA ASN C 223 33.20 -3.30 -7.56
C ASN C 223 32.60 -2.35 -8.59
N SER C 224 31.40 -1.89 -8.23
CA SER C 224 30.55 -1.11 -9.09
C SER C 224 31.02 0.29 -9.54
N ALA C 225 31.27 0.41 -10.84
CA ALA C 225 31.62 1.70 -11.47
C ALA C 225 30.33 2.47 -11.61
N SER C 226 29.29 1.77 -12.02
CA SER C 226 27.94 2.31 -12.14
C SER C 226 26.98 1.16 -11.98
N VAL C 227 25.74 1.47 -11.65
CA VAL C 227 24.71 0.45 -11.54
C VAL C 227 24.55 -0.15 -12.97
N GLN C 228 24.68 0.72 -13.99
CA GLN C 228 24.58 0.29 -15.40
C GLN C 228 25.58 -0.82 -15.73
N ALA C 229 26.83 -0.62 -15.31
CA ALA C 229 27.90 -1.55 -15.60
C ALA C 229 27.66 -2.92 -14.98
N THR C 230 27.26 -2.91 -13.71
CA THR C 230 26.99 -4.12 -12.93
C THR C 230 25.80 -4.87 -13.52
N MET C 231 24.76 -4.13 -13.91
CA MET C 231 23.59 -4.78 -14.48
C MET C 231 23.88 -5.38 -15.83
N TYR C 232 24.67 -4.71 -16.64
CA TYR C 232 25.02 -5.28 -17.94
C TYR C 232 25.80 -6.58 -17.77
N LYS C 233 26.75 -6.58 -16.83
CA LYS C 233 27.53 -7.77 -16.53
C LYS C 233 26.56 -8.88 -16.23
N MET C 234 25.78 -8.73 -15.15
CA MET C 234 24.79 -9.77 -14.79
C MET C 234 23.90 -10.30 -15.97
N ALA C 235 23.55 -9.45 -16.93
CA ALA C 235 22.77 -9.92 -18.09
C ALA C 235 23.64 -10.83 -18.93
N GLU C 236 24.89 -10.44 -19.13
CA GLU C 236 25.83 -11.25 -19.91
C GLU C 236 25.92 -12.69 -19.45
N GLN C 237 26.24 -12.88 -18.18
CA GLN C 237 26.35 -14.21 -17.65
C GLN C 237 25.09 -15.04 -17.92
N ILE C 238 23.92 -14.42 -17.79
CA ILE C 238 22.65 -15.11 -18.00
C ILE C 238 22.44 -15.56 -19.43
N LEU C 239 22.80 -14.72 -20.38
CA LEU C 239 22.65 -15.05 -21.79
C LEU C 239 23.63 -16.18 -22.20
N ALA C 240 24.79 -16.18 -21.55
CA ALA C 240 25.83 -17.20 -21.79
C ALA C 240 25.38 -18.57 -21.29
N ARG C 241 24.87 -18.62 -20.05
CA ARG C 241 24.43 -19.85 -19.45
C ARG C 241 23.17 -20.46 -20.09
N GLN C 242 22.42 -19.69 -20.88
CA GLN C 242 21.19 -20.25 -21.47
C GLN C 242 20.94 -19.79 -22.91
N GLN C 243 21.02 -20.72 -23.84
CA GLN C 243 20.90 -20.39 -25.24
C GLN C 243 19.51 -20.10 -25.68
N LEU C 244 18.52 -20.60 -24.93
CA LEU C 244 17.10 -20.46 -25.29
C LEU C 244 16.54 -19.08 -25.03
N ILE C 245 17.22 -18.36 -24.15
CA ILE C 245 16.86 -17.00 -23.80
C ILE C 245 17.45 -16.08 -24.86
N GLU C 246 16.62 -15.23 -25.46
CA GLU C 246 17.05 -14.31 -26.52
C GLU C 246 17.53 -12.94 -26.01
N THR C 247 16.91 -12.46 -24.92
CA THR C 247 17.23 -11.15 -24.35
C THR C 247 17.02 -11.17 -22.84
N VAL C 248 17.77 -10.34 -22.12
CA VAL C 248 17.60 -10.22 -20.67
C VAL C 248 17.38 -8.77 -20.33
N GLU C 249 16.32 -8.49 -19.60
CA GLU C 249 16.00 -7.11 -19.20
C GLU C 249 16.14 -6.89 -17.69
N TYR C 250 16.90 -5.89 -17.31
CA TYR C 250 17.00 -5.53 -15.92
C TYR C 250 16.42 -4.14 -15.74
N SER C 251 15.84 -3.90 -14.59
CA SER C 251 15.28 -2.60 -14.28
C SER C 251 15.52 -2.46 -12.83
N LEU C 252 16.40 -1.54 -12.46
CA LEU C 252 16.77 -1.35 -11.08
C LEU C 252 16.56 0.05 -10.58
N PRO C 253 15.94 0.17 -9.40
CA PRO C 253 15.80 1.45 -8.72
C PRO C 253 17.06 1.60 -7.87
N ASN C 254 17.69 2.77 -7.91
CA ASN C 254 18.87 2.98 -7.10
C ASN C 254 18.39 3.71 -5.85
N LYS C 255 18.05 2.93 -4.82
CA LYS C 255 17.57 3.49 -3.54
C LYS C 255 18.71 4.17 -2.76
N HIS C 256 18.70 5.51 -2.75
CA HIS C 256 19.78 6.27 -2.07
C HIS C 256 19.78 6.32 -0.58
N TYR C 257 20.97 6.24 -0.03
CA TYR C 257 21.24 6.39 1.39
C TYR C 257 22.14 7.63 1.50
N PHE C 258 21.65 8.65 2.19
CA PHE C 258 22.40 9.90 2.33
C PHE C 258 23.28 9.94 3.55
N GLU C 259 24.41 10.66 3.43
CA GLU C 259 25.34 10.86 4.55
C GLU C 259 24.77 11.97 5.40
N ILE C 260 24.99 11.93 6.70
CA ILE C 260 24.49 13.01 7.56
C ILE C 260 25.60 13.78 8.22
N ASP C 261 25.87 14.97 7.73
CA ASP C 261 26.88 15.78 8.35
C ASP C 261 26.35 16.21 9.72
N LEU C 262 27.03 15.77 10.77
CA LEU C 262 26.68 16.10 12.16
C LEU C 262 27.72 17.05 12.81
N SER C 263 28.62 17.58 11.97
CA SER C 263 29.67 18.48 12.42
C SER C 263 29.11 19.65 13.24
N TRP C 264 28.00 20.21 12.77
CA TRP C 264 27.37 21.34 13.45
C TRP C 264 27.13 21.01 14.90
N HIS C 265 27.22 19.74 15.25
CA HIS C 265 26.98 19.34 16.64
C HIS C 265 28.24 18.80 17.33
N LYS C 266 28.87 19.66 18.13
CA LYS C 266 30.11 19.29 18.87
C LYS C 266 31.18 18.70 17.96
N GLY C 267 31.23 19.18 16.71
CA GLY C 267 32.23 18.73 15.73
C GLY C 267 32.20 17.21 15.47
N LEU C 268 31.01 16.63 15.59
CA LEU C 268 30.82 15.20 15.38
C LEU C 268 31.10 14.84 13.93
N GLN C 269 32.02 13.91 13.74
CA GLN C 269 32.41 13.43 12.41
C GLN C 269 31.53 12.26 11.93
N ASN C 270 30.75 12.49 10.88
CA ASN C 270 29.88 11.43 10.34
C ASN C 270 29.94 11.31 8.83
N THR C 271 30.70 12.19 8.20
CA THR C 271 30.79 12.15 6.76
C THR C 271 32.04 11.46 6.31
N GLY C 272 32.18 11.33 4.99
CA GLY C 272 33.32 10.70 4.38
C GLY C 272 33.72 9.36 4.99
N LYS C 273 35.02 9.23 5.25
CA LYS C 273 35.58 7.99 5.80
C LYS C 273 35.00 7.68 7.18
N ASN C 274 34.44 8.71 7.82
CA ASN C 274 33.85 8.61 9.17
C ASN C 274 32.35 8.33 9.18
N ALA C 275 31.77 8.13 8.00
CA ALA C 275 30.34 7.90 7.89
C ALA C 275 29.90 6.57 8.53
N GLU C 276 28.97 6.66 9.48
CA GLU C 276 28.45 5.48 10.16
C GLU C 276 26.91 5.43 10.08
N VAL C 277 26.29 6.56 10.43
CA VAL C 277 24.85 6.76 10.41
C VAL C 277 24.40 7.49 9.13
N PHE C 278 23.39 6.93 8.44
CA PHE C 278 22.84 7.54 7.20
C PHE C 278 21.34 7.70 7.24
N ALA C 279 20.82 8.41 6.25
CA ALA C 279 19.39 8.63 6.14
C ALA C 279 18.90 7.99 4.85
N PRO C 280 18.25 6.84 4.96
CA PRO C 280 17.73 6.21 3.76
C PRO C 280 16.64 7.14 3.22
N GLN C 281 16.69 7.43 1.91
CA GLN C 281 15.70 8.30 1.26
C GLN C 281 14.57 7.47 0.65
N SER C 282 13.33 7.78 1.00
CA SER C 282 12.17 7.09 0.39
C SER C 282 12.08 7.51 -1.08
N ASP C 283 12.49 8.75 -1.38
CA ASP C 283 12.51 9.27 -2.75
C ASP C 283 13.25 10.60 -2.77
N PRO C 284 13.64 11.01 -3.98
CA PRO C 284 13.35 10.22 -5.15
C PRO C 284 14.32 9.08 -5.30
N ASN C 285 14.39 8.52 -6.50
CA ASN C 285 15.29 7.41 -6.74
C ASN C 285 15.72 7.32 -8.19
N GLY C 286 16.96 6.88 -8.40
CA GLY C 286 17.49 6.69 -9.74
C GLY C 286 16.79 5.45 -10.29
N LEU C 287 16.62 5.38 -11.59
CA LEU C 287 15.93 4.24 -12.18
C LEU C 287 16.74 3.91 -13.42
N ILE C 288 17.36 2.73 -13.44
CA ILE C 288 18.24 2.36 -14.55
C ILE C 288 17.74 1.10 -15.17
N LYS C 289 17.48 1.16 -16.47
CA LYS C 289 16.91 0.03 -17.20
C LYS C 289 17.79 -0.34 -18.35
N CYS C 290 17.66 -1.58 -18.81
CA CYS C 290 18.49 -2.01 -19.87
C CYS C 290 18.15 -3.42 -20.35
N THR C 291 18.08 -3.54 -21.67
CA THR C 291 17.75 -4.78 -22.35
C THR C 291 18.97 -5.21 -23.16
N VAL C 292 19.56 -6.32 -22.74
CA VAL C 292 20.75 -6.89 -23.35
C VAL C 292 20.43 -8.10 -24.23
N GLY C 293 20.70 -7.96 -25.53
CA GLY C 293 20.44 -9.06 -26.47
C GLY C 293 21.70 -9.80 -26.96
N ARG C 294 21.52 -10.61 -28.00
CA ARG C 294 22.63 -11.38 -28.58
C ARG C 294 23.22 -10.67 -29.78
N SER C 295 24.53 -10.50 -29.80
CA SER C 295 25.20 -9.83 -30.91
C SER C 295 24.84 -10.43 -32.28
N ALA D 2 24.90 -7.84 -26.67
CA ALA D 2 24.83 -6.41 -26.97
C ALA D 2 23.63 -5.67 -26.37
N VAL D 3 23.85 -4.38 -26.09
CA VAL D 3 22.81 -3.52 -25.55
C VAL D 3 21.76 -3.25 -26.61
N LYS D 4 20.57 -3.81 -26.42
CA LYS D 4 19.50 -3.66 -27.38
C LYS D 4 18.69 -2.46 -27.06
N ALA D 5 18.66 -2.10 -25.78
CA ALA D 5 17.90 -0.95 -25.32
C ALA D 5 18.43 -0.52 -23.97
N ALA D 6 18.34 0.78 -23.69
CA ALA D 6 18.78 1.34 -22.44
C ALA D 6 18.11 2.68 -22.20
N ARG D 7 17.83 2.96 -20.93
CA ARG D 7 17.18 4.20 -20.47
C ARG D 7 17.47 4.32 -19.00
N TYR D 8 17.78 5.52 -18.57
CA TYR D 8 17.94 5.70 -17.17
C TYR D 8 17.48 7.11 -16.82
N GLY D 9 17.40 7.39 -15.53
CA GLY D 9 16.97 8.69 -15.07
C GLY D 9 16.57 8.68 -13.62
N LYS D 10 15.63 9.55 -13.29
CA LYS D 10 15.22 9.68 -11.92
C LYS D 10 13.76 9.54 -11.83
N ASP D 11 13.32 8.74 -10.84
CA ASP D 11 11.91 8.48 -10.58
C ASP D 11 11.38 9.08 -9.26
N ASN D 12 10.09 9.38 -9.22
CA ASN D 12 9.46 9.91 -8.02
C ASN D 12 10.06 11.13 -7.54
N VAL D 13 10.08 12.16 -8.35
CA VAL D 13 10.62 13.42 -7.89
C VAL D 13 9.42 14.24 -7.52
N ARG D 14 9.20 14.39 -6.23
CA ARG D 14 8.07 15.15 -5.80
C ARG D 14 8.38 16.64 -6.00
N VAL D 15 7.44 17.33 -6.61
CA VAL D 15 7.60 18.74 -6.91
C VAL D 15 6.38 19.51 -6.50
N TYR D 16 6.61 20.65 -5.89
CA TYR D 16 5.52 21.48 -5.46
C TYR D 16 5.85 22.90 -5.86
N LYS D 17 4.91 23.57 -6.50
CA LYS D 17 5.13 24.91 -6.95
C LYS D 17 3.95 25.82 -6.60
N VAL D 18 4.26 27.00 -6.04
CA VAL D 18 3.24 27.95 -5.66
C VAL D 18 3.23 29.18 -6.54
N HIS D 19 2.03 29.61 -6.89
CA HIS D 19 1.89 30.81 -7.67
C HIS D 19 1.16 31.83 -6.84
N LYS D 20 1.79 32.98 -6.61
CA LYS D 20 1.17 34.05 -5.83
C LYS D 20 0.76 35.23 -6.69
N ASP D 21 -0.48 35.68 -6.51
CA ASP D 21 -0.98 36.86 -7.20
C ASP D 21 -0.72 38.04 -6.29
N GLU D 22 -0.02 39.04 -6.78
CA GLU D 22 0.29 40.23 -5.99
C GLU D 22 -0.98 41.03 -5.75
N LYS D 23 -1.81 41.13 -6.78
CA LYS D 23 -3.06 41.83 -6.69
C LYS D 23 -3.94 41.18 -5.63
N THR D 24 -4.75 40.22 -6.08
CA THR D 24 -5.69 39.52 -5.23
C THR D 24 -5.14 38.85 -3.98
N GLY D 25 -3.95 38.27 -4.07
CA GLY D 25 -3.40 37.57 -2.91
C GLY D 25 -3.81 36.09 -2.94
N VAL D 26 -4.45 35.70 -4.03
CA VAL D 26 -4.87 34.33 -4.23
C VAL D 26 -3.65 33.51 -4.65
N GLN D 27 -3.30 32.52 -3.83
CA GLN D 27 -2.21 31.62 -4.15
C GLN D 27 -2.82 30.38 -4.78
N THR D 28 -2.04 29.69 -5.61
CA THR D 28 -2.50 28.50 -6.32
C THR D 28 -1.44 27.46 -6.21
N VAL D 29 -1.78 26.25 -5.77
CA VAL D 29 -0.73 25.21 -5.65
C VAL D 29 -0.75 24.13 -6.73
N TYR D 30 0.41 23.55 -6.97
CA TYR D 30 0.58 22.47 -7.94
C TYR D 30 1.55 21.49 -7.34
N GLU D 31 1.20 20.21 -7.43
CA GLU D 31 2.02 19.15 -6.91
C GLU D 31 1.97 17.92 -7.81
N MET D 32 3.14 17.44 -8.17
CA MET D 32 3.23 16.37 -9.06
C MET D 32 4.41 15.55 -8.68
N THR D 33 4.46 14.34 -9.20
CA THR D 33 5.59 13.48 -9.05
C THR D 33 6.15 13.34 -10.47
N VAL D 34 7.45 13.51 -10.63
CA VAL D 34 8.03 13.42 -11.97
C VAL D 34 9.06 12.29 -12.17
N CYS D 35 9.06 11.67 -13.35
CA CYS D 35 10.03 10.61 -13.69
C CYS D 35 10.56 11.00 -15.05
N VAL D 36 11.88 11.13 -15.15
CA VAL D 36 12.51 11.39 -16.42
C VAL D 36 13.53 10.30 -16.71
N LEU D 37 13.35 9.56 -17.80
CA LEU D 37 14.30 8.57 -18.23
C LEU D 37 14.90 9.13 -19.49
N LEU D 38 16.21 9.00 -19.63
CA LEU D 38 16.84 9.51 -20.83
C LEU D 38 17.39 8.40 -21.65
N GLU D 39 17.32 8.55 -22.97
CA GLU D 39 17.86 7.57 -23.91
C GLU D 39 18.93 8.26 -24.77
N GLY D 40 19.98 7.54 -25.12
CA GLY D 40 20.99 8.15 -25.97
C GLY D 40 22.17 7.26 -26.31
N GLU D 41 23.30 7.89 -26.55
CA GLU D 41 24.52 7.19 -26.86
C GLU D 41 25.19 6.90 -25.53
N ILE D 42 24.68 5.88 -24.84
CA ILE D 42 25.16 5.57 -23.52
C ILE D 42 25.57 4.11 -23.30
N GLU D 43 25.60 3.33 -24.37
CA GLU D 43 25.97 1.91 -24.26
C GLU D 43 27.28 1.72 -23.47
N THR D 44 28.17 2.69 -23.58
CA THR D 44 29.47 2.60 -22.96
C THR D 44 29.51 2.58 -21.45
N SER D 45 28.47 3.12 -20.83
CA SER D 45 28.36 3.09 -19.36
C SER D 45 27.91 1.67 -18.94
N TYR D 46 27.40 0.89 -19.88
CA TYR D 46 26.97 -0.47 -19.60
C TYR D 46 28.12 -1.43 -19.89
N THR D 47 28.61 -1.35 -21.11
CA THR D 47 29.69 -2.19 -21.61
C THR D 47 31.12 -1.88 -21.08
N LYS D 48 31.54 -0.62 -21.15
CA LYS D 48 32.90 -0.26 -20.70
C LYS D 48 32.94 0.45 -19.36
N ALA D 49 31.83 0.46 -18.63
CA ALA D 49 31.74 1.18 -17.35
C ALA D 49 32.29 2.62 -17.52
N ASP D 50 31.79 3.29 -18.56
CA ASP D 50 32.22 4.64 -18.92
C ASP D 50 31.16 5.68 -18.45
N ASN D 51 31.43 6.33 -17.32
CA ASN D 51 30.50 7.29 -16.73
C ASN D 51 30.53 8.68 -17.33
N SER D 52 31.36 8.89 -18.35
CA SER D 52 31.49 10.21 -18.94
C SER D 52 30.32 10.56 -19.86
N VAL D 53 29.59 9.53 -20.28
CA VAL D 53 28.43 9.71 -21.14
C VAL D 53 27.15 9.83 -20.32
N ILE D 54 27.28 9.60 -19.02
CA ILE D 54 26.17 9.68 -18.09
C ILE D 54 25.96 11.05 -17.48
N VAL D 55 24.71 11.50 -17.49
CA VAL D 55 24.29 12.74 -16.87
C VAL D 55 23.63 12.28 -15.59
N ALA D 56 24.36 12.35 -14.47
CA ALA D 56 23.87 11.90 -13.14
C ALA D 56 22.38 12.13 -12.90
N THR D 57 21.71 11.08 -12.45
CA THR D 57 20.29 11.17 -12.19
C THR D 57 20.05 12.31 -11.20
N ASP D 58 21.04 12.58 -10.38
CA ASP D 58 20.98 13.70 -9.48
C ASP D 58 20.80 15.01 -10.25
N SER D 59 21.56 15.14 -11.33
CA SER D 59 21.49 16.35 -12.12
C SER D 59 20.17 16.45 -12.83
N ILE D 60 19.59 15.30 -13.15
CA ILE D 60 18.29 15.27 -13.77
C ILE D 60 17.30 15.85 -12.75
N LYS D 61 17.42 15.39 -11.49
CA LYS D 61 16.57 15.90 -10.42
C LYS D 61 16.66 17.42 -10.36
N ASN D 62 17.87 17.92 -10.19
CA ASN D 62 18.10 19.37 -10.14
C ASN D 62 17.44 20.02 -11.35
N THR D 63 17.71 19.47 -12.53
CA THR D 63 17.16 20.02 -13.76
C THR D 63 15.65 20.16 -13.68
N ILE D 64 15.00 19.18 -13.08
CA ILE D 64 13.55 19.17 -12.94
C ILE D 64 13.12 20.34 -12.07
N TYR D 65 13.85 20.55 -10.97
CA TYR D 65 13.57 21.66 -10.04
C TYR D 65 13.77 23.01 -10.72
N ILE D 66 14.90 23.16 -11.42
CA ILE D 66 15.15 24.41 -12.11
C ILE D 66 14.05 24.67 -13.18
N THR D 67 13.78 23.67 -13.99
CA THR D 67 12.81 23.83 -15.04
C THR D 67 11.42 24.23 -14.50
N ALA D 68 11.04 23.69 -13.35
CA ALA D 68 9.75 24.01 -12.74
C ALA D 68 9.77 25.46 -12.24
N LYS D 69 10.96 25.93 -11.89
CA LYS D 69 11.11 27.27 -11.40
C LYS D 69 11.10 28.31 -12.49
N GLN D 70 11.62 27.95 -13.65
CA GLN D 70 11.72 28.93 -14.74
C GLN D 70 10.66 28.75 -15.77
N ASN D 71 9.66 27.94 -15.47
CA ASN D 71 8.62 27.70 -16.44
C ASN D 71 7.30 27.38 -15.79
N PRO D 72 6.25 27.45 -16.57
CA PRO D 72 4.93 27.13 -16.06
C PRO D 72 4.91 25.62 -15.87
N VAL D 73 4.19 25.14 -14.87
CA VAL D 73 4.12 23.70 -14.64
C VAL D 73 2.82 23.13 -15.10
N THR D 74 1.96 23.98 -15.64
CA THR D 74 0.69 23.54 -16.17
C THR D 74 0.45 24.20 -17.51
N PRO D 75 -0.21 23.49 -18.42
CA PRO D 75 -0.66 22.10 -18.16
C PRO D 75 0.54 21.16 -18.24
N PRO D 76 0.43 20.05 -17.52
CA PRO D 76 1.50 19.00 -17.50
C PRO D 76 2.04 18.72 -18.93
N GLU D 77 1.13 18.62 -19.90
CA GLU D 77 1.54 18.42 -21.31
C GLU D 77 2.63 19.42 -21.76
N LEU D 78 2.49 20.68 -21.37
CA LEU D 78 3.44 21.72 -21.73
C LEU D 78 4.74 21.52 -21.01
N PHE D 79 4.65 21.51 -19.68
CA PHE D 79 5.82 21.33 -18.84
C PHE D 79 6.63 20.13 -19.26
N GLY D 80 5.96 18.99 -19.38
CA GLY D 80 6.61 17.78 -19.81
C GLY D 80 7.37 17.99 -21.12
N SER D 81 6.79 18.76 -22.04
CA SER D 81 7.43 19.00 -23.36
C SER D 81 8.68 19.88 -23.24
N ILE D 82 8.60 20.86 -22.37
CA ILE D 82 9.69 21.77 -22.14
C ILE D 82 10.83 20.95 -21.48
N LEU D 83 10.46 20.14 -20.50
CA LEU D 83 11.42 19.35 -19.74
C LEU D 83 12.14 18.29 -20.55
N GLY D 84 11.40 17.58 -21.39
CA GLY D 84 12.00 16.55 -22.21
C GLY D 84 12.91 17.21 -23.28
N THR D 85 12.38 18.24 -23.93
CA THR D 85 13.11 18.96 -24.98
C THR D 85 14.48 19.42 -24.52
N HIS D 86 14.52 20.04 -23.35
CA HIS D 86 15.77 20.52 -22.76
C HIS D 86 16.89 19.49 -22.85
N PHE D 87 16.60 18.26 -22.47
CA PHE D 87 17.61 17.23 -22.49
C PHE D 87 18.15 16.85 -23.85
N ILE D 88 17.30 16.85 -24.87
CA ILE D 88 17.77 16.44 -26.19
C ILE D 88 18.63 17.52 -26.85
N GLU D 89 18.33 18.78 -26.48
CA GLU D 89 19.05 19.95 -26.96
C GLU D 89 20.29 20.24 -26.14
N LYS D 90 20.15 20.23 -24.81
CA LYS D 90 21.30 20.47 -23.94
C LYS D 90 22.40 19.47 -24.19
N TYR D 91 22.02 18.21 -24.44
CA TYR D 91 23.00 17.16 -24.67
C TYR D 91 22.94 16.52 -26.08
N ASN D 92 24.12 16.33 -26.66
CA ASN D 92 24.24 15.80 -28.00
C ASN D 92 24.26 14.30 -28.05
N HIS D 93 24.61 13.66 -26.95
CA HIS D 93 24.65 12.22 -26.91
C HIS D 93 23.35 11.68 -26.40
N ILE D 94 22.38 12.57 -26.22
CA ILE D 94 21.06 12.19 -25.76
C ILE D 94 20.05 12.53 -26.84
N HIS D 95 19.35 11.51 -27.34
CA HIS D 95 18.43 11.72 -28.42
C HIS D 95 16.97 11.47 -28.14
N ALA D 96 16.68 10.96 -26.95
CA ALA D 96 15.28 10.77 -26.51
C ALA D 96 15.13 11.08 -25.02
N ALA D 97 13.97 11.62 -24.65
CA ALA D 97 13.69 11.99 -23.26
C ALA D 97 12.28 11.53 -22.94
N HIS D 98 12.15 10.68 -21.94
CA HIS D 98 10.85 10.21 -21.61
C HIS D 98 10.42 10.81 -20.31
N VAL D 99 9.28 11.51 -20.36
CA VAL D 99 8.78 12.24 -19.22
C VAL D 99 7.43 11.78 -18.75
N ASN D 100 7.33 11.52 -17.46
CA ASN D 100 6.08 11.07 -16.87
C ASN D 100 5.74 11.95 -15.65
N ILE D 101 4.58 12.60 -15.72
CA ILE D 101 4.15 13.48 -14.68
C ILE D 101 2.83 13.03 -14.10
N VAL D 102 2.76 12.91 -12.79
CA VAL D 102 1.52 12.53 -12.15
C VAL D 102 1.09 13.76 -11.33
N CYS D 103 -0.07 14.32 -11.65
CA CYS D 103 -0.56 15.54 -11.01
C CYS D 103 -1.50 15.18 -9.84
N HIS D 104 -1.25 15.78 -8.67
CA HIS D 104 -2.01 15.49 -7.46
C HIS D 104 -2.99 16.58 -7.16
N ARG D 105 -4.20 16.21 -6.75
CA ARG D 105 -5.25 17.19 -6.51
C ARG D 105 -5.14 17.96 -5.24
N TRP D 106 -5.18 19.27 -5.40
CA TRP D 106 -5.09 20.21 -4.32
C TRP D 106 -6.14 21.21 -4.68
N THR D 107 -7.39 20.85 -4.41
CA THR D 107 -8.51 21.67 -4.72
C THR D 107 -8.71 22.70 -3.65
N ARG D 108 -9.09 23.90 -4.05
CA ARG D 108 -9.26 25.02 -3.14
C ARG D 108 -10.46 24.87 -2.22
N MET D 109 -10.23 25.05 -0.93
CA MET D 109 -11.30 24.94 0.06
C MET D 109 -12.39 25.97 -0.14
N ASP D 110 -13.62 25.62 0.24
CA ASP D 110 -14.75 26.51 0.17
C ASP D 110 -15.22 26.87 1.57
N ILE D 111 -14.59 27.88 2.18
CA ILE D 111 -14.95 28.28 3.52
C ILE D 111 -16.13 29.25 3.47
N ASP D 112 -17.17 28.96 4.26
CA ASP D 112 -18.35 29.81 4.33
C ASP D 112 -18.99 30.08 2.97
N GLY D 113 -18.62 29.30 1.96
CA GLY D 113 -19.18 29.47 0.62
C GLY D 113 -18.28 30.34 -0.25
N LYS D 114 -17.09 30.63 0.27
CA LYS D 114 -16.15 31.46 -0.46
C LYS D 114 -14.75 30.81 -0.65
N PRO D 115 -14.32 30.76 -1.90
CA PRO D 115 -13.03 30.18 -2.29
C PRO D 115 -11.86 30.80 -1.53
N HIS D 116 -11.28 30.04 -0.59
CA HIS D 116 -10.16 30.56 0.18
C HIS D 116 -8.94 30.87 -0.73
N PRO D 117 -8.15 31.86 -0.34
CA PRO D 117 -6.98 32.28 -1.11
C PRO D 117 -5.87 31.24 -1.12
N HIS D 118 -5.43 30.85 0.08
CA HIS D 118 -4.30 29.92 0.26
C HIS D 118 -4.60 28.59 1.00
N SER D 119 -5.79 28.04 0.82
CA SER D 119 -6.11 26.77 1.50
C SER D 119 -6.71 25.71 0.58
N PHE D 120 -6.10 24.53 0.57
CA PHE D 120 -6.56 23.45 -0.29
C PHE D 120 -6.80 22.12 0.38
N ILE D 121 -7.54 21.30 -0.33
CA ILE D 121 -7.90 19.99 0.12
C ILE D 121 -7.61 18.93 -0.97
N ARG D 122 -7.18 17.74 -0.55
CA ARG D 122 -6.95 16.63 -1.47
C ARG D 122 -8.32 16.00 -1.63
N ASP D 123 -9.11 16.54 -2.54
CA ASP D 123 -10.49 16.10 -2.72
C ASP D 123 -10.69 14.81 -3.50
N SER D 124 -9.62 14.06 -3.69
CA SER D 124 -9.68 12.78 -4.43
C SER D 124 -8.28 12.22 -4.72
N GLU D 125 -8.17 10.90 -4.71
CA GLU D 125 -6.90 10.24 -5.04
C GLU D 125 -6.77 10.16 -6.58
N GLU D 126 -7.77 10.69 -7.30
CA GLU D 126 -7.72 10.78 -8.75
C GLU D 126 -6.42 11.49 -9.13
N LYS D 127 -5.91 11.20 -10.32
CA LYS D 127 -4.69 11.85 -10.80
C LYS D 127 -4.82 12.24 -12.24
N ARG D 128 -4.09 13.27 -12.63
CA ARG D 128 -4.04 13.68 -14.00
C ARG D 128 -2.59 13.40 -14.38
N ASN D 129 -2.38 12.70 -15.48
CA ASN D 129 -1.03 12.30 -15.87
C ASN D 129 -0.76 12.60 -17.29
N VAL D 130 0.52 12.68 -17.61
CA VAL D 130 0.94 12.83 -19.01
C VAL D 130 2.25 12.07 -19.22
N GLN D 131 2.36 11.48 -20.38
CA GLN D 131 3.54 10.78 -20.74
C GLN D 131 4.02 11.45 -22.02
N VAL D 132 5.10 12.19 -21.88
CA VAL D 132 5.67 12.92 -22.96
C VAL D 132 6.91 12.20 -23.39
N ASP D 133 6.91 11.78 -24.64
CA ASP D 133 8.07 11.14 -25.21
C ASP D 133 8.61 12.14 -26.24
N VAL D 134 9.87 12.48 -26.11
CA VAL D 134 10.48 13.45 -26.99
C VAL D 134 11.65 12.84 -27.68
N VAL D 135 11.53 12.67 -28.99
CA VAL D 135 12.59 12.05 -29.80
C VAL D 135 13.15 13.00 -30.82
N GLU D 136 14.46 13.11 -30.81
CA GLU D 136 15.18 13.99 -31.73
C GLU D 136 14.85 13.69 -33.19
N GLY D 137 14.21 14.63 -33.86
CA GLY D 137 13.88 14.48 -35.28
C GLY D 137 12.53 13.82 -35.50
N LYS D 138 11.91 13.38 -34.42
CA LYS D 138 10.62 12.72 -34.49
C LYS D 138 9.54 13.42 -33.68
N GLY D 139 9.81 14.66 -33.30
CA GLY D 139 8.83 15.45 -32.59
C GLY D 139 8.55 15.04 -31.17
N ILE D 140 7.33 15.37 -30.73
CA ILE D 140 6.94 15.11 -29.37
C ILE D 140 5.66 14.31 -29.27
N ASP D 141 5.75 13.12 -28.69
CA ASP D 141 4.58 12.26 -28.52
C ASP D 141 4.01 12.35 -27.13
N ILE D 142 2.75 12.78 -27.09
CA ILE D 142 2.10 12.99 -25.84
C ILE D 142 0.87 12.14 -25.64
N LYS D 143 0.82 11.47 -24.50
CA LYS D 143 -0.32 10.71 -24.07
C LYS D 143 -0.72 11.43 -22.82
N SER D 144 -2.02 11.69 -22.67
CA SER D 144 -2.59 12.40 -21.56
C SER D 144 -3.54 11.43 -20.93
N SER D 145 -3.68 11.47 -19.62
CA SER D 145 -4.57 10.52 -18.98
C SER D 145 -5.15 10.93 -17.69
N LEU D 146 -6.21 10.22 -17.33
CA LEU D 146 -6.81 10.38 -16.02
C LEU D 146 -6.90 8.96 -15.48
N SER D 147 -6.67 8.83 -14.19
CA SER D 147 -6.70 7.55 -13.54
C SER D 147 -7.08 7.76 -12.08
N GLY D 148 -7.44 6.69 -11.41
CA GLY D 148 -7.83 6.80 -10.00
C GLY D 148 -9.26 7.28 -9.83
N LEU D 149 -10.02 7.32 -10.93
CA LEU D 149 -11.41 7.75 -10.91
C LEU D 149 -12.32 6.53 -10.65
N THR D 150 -12.78 6.41 -9.41
CA THR D 150 -13.62 5.30 -8.98
C THR D 150 -15.11 5.66 -9.00
N VAL D 151 -15.89 4.90 -9.74
CA VAL D 151 -17.29 5.18 -9.84
C VAL D 151 -18.13 3.98 -9.48
N LEU D 152 -19.42 4.19 -9.32
CA LEU D 152 -20.37 3.12 -8.97
C LEU D 152 -21.80 3.53 -9.25
N LYS D 153 -22.54 2.60 -9.84
CA LYS D 153 -23.97 2.82 -10.14
C LYS D 153 -24.74 1.65 -9.60
N SER D 154 -25.78 1.97 -8.83
CA SER D 154 -26.61 0.98 -8.14
C SER D 154 -27.55 0.21 -9.04
N THR D 155 -27.63 0.60 -10.30
CA THR D 155 -28.52 -0.06 -11.23
C THR D 155 -28.23 0.41 -12.64
N ASN D 156 -29.15 0.09 -13.54
CA ASN D 156 -29.04 0.55 -14.92
C ASN D 156 -27.81 -0.08 -15.58
N SER D 157 -27.48 -1.29 -15.14
CA SER D 157 -26.38 -2.06 -15.71
C SER D 157 -26.79 -3.52 -15.84
N GLN D 158 -26.60 -4.09 -17.02
CA GLN D 158 -26.94 -5.47 -17.21
C GLN D 158 -25.87 -6.24 -17.91
N PHE D 159 -25.99 -7.54 -17.80
CA PHE D 159 -25.09 -8.43 -18.46
C PHE D 159 -25.76 -9.78 -18.71
N TRP D 160 -26.29 -9.93 -19.92
CA TRP D 160 -26.96 -11.14 -20.35
C TRP D 160 -26.62 -11.33 -21.82
N GLY D 161 -26.79 -12.52 -22.33
CA GLY D 161 -26.50 -12.77 -23.74
C GLY D 161 -25.07 -13.21 -24.02
N PHE D 162 -24.28 -13.40 -22.96
CA PHE D 162 -22.90 -13.81 -23.10
C PHE D 162 -22.84 -15.32 -23.36
N LEU D 163 -21.79 -15.75 -24.06
CA LEU D 163 -21.57 -17.16 -24.41
C LEU D 163 -21.61 -18.09 -23.19
N ARG D 164 -22.43 -19.13 -23.27
CA ARG D 164 -22.51 -20.15 -22.21
C ARG D 164 -21.95 -21.45 -22.74
N ASP D 165 -21.26 -22.19 -21.89
CA ASP D 165 -20.68 -23.47 -22.28
C ASP D 165 -20.46 -24.28 -21.02
N GLU D 166 -19.67 -25.33 -21.10
CA GLU D 166 -19.41 -26.15 -19.93
C GLU D 166 -18.51 -25.51 -18.87
N TYR D 167 -18.03 -24.29 -19.13
CA TYR D 167 -17.17 -23.55 -18.19
C TYR D 167 -17.91 -22.40 -17.56
N THR D 168 -19.17 -22.24 -17.96
CA THR D 168 -19.98 -21.12 -17.45
C THR D 168 -20.81 -21.51 -16.24
N THR D 169 -21.00 -20.56 -15.33
CA THR D 169 -21.84 -20.74 -14.14
C THR D 169 -22.46 -19.41 -13.81
N LEU D 170 -22.17 -18.42 -14.65
CA LEU D 170 -22.66 -17.07 -14.43
C LEU D 170 -24.11 -16.79 -14.86
N LYS D 171 -25.01 -16.71 -13.88
CA LYS D 171 -26.43 -16.41 -14.19
C LYS D 171 -26.60 -15.02 -14.85
N GLU D 172 -27.24 -14.97 -16.02
CA GLU D 172 -27.49 -13.69 -16.70
C GLU D 172 -28.23 -12.78 -15.73
N THR D 173 -28.18 -11.48 -16.00
CA THR D 173 -28.84 -10.50 -15.17
C THR D 173 -29.34 -9.35 -16.04
N TRP D 174 -30.32 -8.62 -15.52
CA TRP D 174 -30.91 -7.52 -16.22
C TRP D 174 -30.75 -6.28 -15.38
N ASP D 175 -30.30 -6.51 -14.15
CA ASP D 175 -29.99 -5.44 -13.22
C ASP D 175 -28.84 -5.86 -12.34
N ARG D 176 -27.81 -5.03 -12.30
CA ARG D 176 -26.63 -5.29 -11.48
C ARG D 176 -25.86 -4.00 -11.15
N ILE D 177 -25.07 -4.06 -10.05
CA ILE D 177 -24.26 -2.94 -9.61
C ILE D 177 -23.04 -2.90 -10.53
N LEU D 178 -22.64 -1.71 -10.94
CA LEU D 178 -21.46 -1.58 -11.80
C LEU D 178 -20.48 -0.54 -11.24
N SER D 179 -19.38 -1.02 -10.67
CA SER D 179 -18.35 -0.13 -10.12
C SER D 179 -17.02 -0.38 -10.80
N THR D 180 -16.24 0.67 -10.99
CA THR D 180 -14.96 0.50 -11.65
C THR D 180 -14.01 1.63 -11.35
N ASP D 181 -12.78 1.50 -11.79
CA ASP D 181 -11.75 2.52 -11.58
C ASP D 181 -11.39 2.90 -12.93
N VAL D 182 -11.52 4.16 -13.24
CA VAL D 182 -11.32 4.56 -14.58
C VAL D 182 -9.95 5.01 -14.94
N ASP D 183 -9.40 4.29 -15.90
CA ASP D 183 -8.13 4.63 -16.47
C ASP D 183 -8.41 4.94 -17.91
N ALA D 184 -8.31 6.21 -18.26
CA ALA D 184 -8.54 6.62 -19.64
C ALA D 184 -7.38 7.45 -20.11
N THR D 185 -6.88 7.11 -21.28
CA THR D 185 -5.76 7.82 -21.86
C THR D 185 -6.10 8.23 -23.28
N TRP D 186 -5.78 9.47 -23.61
CA TRP D 186 -5.97 9.96 -24.96
C TRP D 186 -4.64 10.37 -25.51
N GLN D 187 -4.33 9.94 -26.71
CA GLN D 187 -3.05 10.25 -27.31
C GLN D 187 -3.16 11.26 -28.42
N TRP D 188 -2.43 12.36 -28.26
CA TRP D 188 -2.43 13.44 -29.22
C TRP D 188 -1.63 13.12 -30.46
N LYS D 189 -1.97 13.81 -31.55
CA LYS D 189 -1.28 13.66 -32.83
C LYS D 189 0.15 14.13 -32.59
N ASN D 190 1.13 13.40 -33.16
CA ASN D 190 2.57 13.76 -32.98
C ASN D 190 2.76 15.23 -33.20
N PHE D 191 3.59 15.86 -32.39
CA PHE D 191 3.82 17.31 -32.52
C PHE D 191 5.23 17.51 -32.99
N SER D 192 5.42 18.52 -33.84
CA SER D 192 6.72 18.82 -34.40
C SER D 192 7.76 19.28 -33.36
N GLY D 193 7.32 20.06 -32.38
CA GLY D 193 8.24 20.57 -31.36
C GLY D 193 7.54 21.44 -30.34
N LEU D 194 8.34 22.03 -29.45
CA LEU D 194 7.80 22.89 -28.38
C LEU D 194 6.84 23.94 -28.93
N GLN D 195 7.23 24.55 -30.04
CA GLN D 195 6.46 25.57 -30.70
C GLN D 195 5.02 25.18 -31.00
N GLU D 196 4.83 24.02 -31.64
CA GLU D 196 3.48 23.55 -31.97
C GLU D 196 2.70 23.21 -30.70
N VAL D 197 3.45 22.78 -29.68
CA VAL D 197 2.84 22.44 -28.41
C VAL D 197 2.33 23.71 -27.75
N ARG D 198 3.14 24.76 -27.77
CA ARG D 198 2.75 26.05 -27.17
C ARG D 198 1.56 26.57 -27.92
N SER D 199 1.51 26.24 -29.20
CA SER D 199 0.45 26.69 -30.06
C SER D 199 -0.92 26.14 -29.65
N HIS D 200 -0.93 25.02 -28.95
CA HIS D 200 -2.17 24.36 -28.57
C HIS D 200 -2.43 24.28 -27.08
N VAL D 201 -1.64 24.98 -26.29
CA VAL D 201 -1.74 24.94 -24.83
C VAL D 201 -3.16 24.90 -24.22
N PRO D 202 -3.97 25.87 -24.58
CA PRO D 202 -5.35 25.94 -24.06
C PRO D 202 -6.17 24.65 -24.31
N LYS D 203 -5.84 23.94 -25.38
CA LYS D 203 -6.55 22.72 -25.74
C LYS D 203 -6.43 21.62 -24.67
N PHE D 204 -5.21 21.43 -24.15
CA PHE D 204 -4.92 20.39 -23.15
C PHE D 204 -5.85 20.33 -21.98
N ASP D 205 -5.88 21.41 -21.18
CA ASP D 205 -6.75 21.47 -20.00
C ASP D 205 -8.19 21.23 -20.40
N ALA D 206 -8.57 21.73 -21.56
CA ALA D 206 -9.96 21.58 -22.05
C ALA D 206 -10.31 20.14 -22.36
N THR D 207 -9.44 19.48 -23.13
CA THR D 207 -9.63 18.08 -23.57
C THR D 207 -9.70 17.14 -22.39
N TRP D 208 -8.92 17.45 -21.36
CA TRP D 208 -8.90 16.65 -20.16
C TRP D 208 -10.27 16.80 -19.50
N ALA D 209 -10.69 18.05 -19.30
CA ALA D 209 -12.00 18.36 -18.72
C ALA D 209 -13.13 17.68 -19.52
N THR D 210 -12.96 17.63 -20.82
CA THR D 210 -13.94 17.02 -21.69
C THR D 210 -14.01 15.54 -21.38
N ALA D 211 -12.86 14.87 -21.52
CA ALA D 211 -12.71 13.45 -21.26
C ALA D 211 -13.30 13.02 -19.93
N ARG D 212 -13.05 13.81 -18.89
CA ARG D 212 -13.59 13.50 -17.57
C ARG D 212 -15.10 13.44 -17.68
N GLU D 213 -15.67 14.62 -17.96
CA GLU D 213 -17.11 14.85 -18.17
C GLU D 213 -17.78 13.77 -19.03
N VAL D 214 -17.19 13.47 -20.18
CA VAL D 214 -17.71 12.45 -21.08
C VAL D 214 -17.72 11.09 -20.44
N THR D 215 -16.82 10.91 -19.47
CA THR D 215 -16.66 9.63 -18.79
C THR D 215 -17.72 9.47 -17.72
N LEU D 216 -17.83 10.45 -16.84
CA LEU D 216 -18.86 10.39 -15.80
C LEU D 216 -20.21 10.29 -16.53
N LYS D 217 -20.53 11.32 -17.34
CA LYS D 217 -21.80 11.40 -18.08
C LYS D 217 -22.26 10.08 -18.68
N THR D 218 -21.48 9.55 -19.63
CA THR D 218 -21.83 8.29 -20.25
C THR D 218 -22.05 7.22 -19.20
N PHE D 219 -21.08 7.03 -18.32
CA PHE D 219 -21.18 6.04 -17.25
C PHE D 219 -22.48 6.14 -16.54
N ALA D 220 -22.84 7.34 -16.12
CA ALA D 220 -24.09 7.56 -15.38
C ALA D 220 -25.41 7.38 -16.19
N GLU D 221 -25.38 7.79 -17.45
CA GLU D 221 -26.58 7.69 -18.30
C GLU D 221 -26.82 6.34 -18.97
N ASP D 222 -25.81 5.83 -19.66
CA ASP D 222 -25.90 4.55 -20.37
C ASP D 222 -26.58 3.44 -19.55
N ASN D 223 -27.47 2.70 -20.18
CA ASN D 223 -28.10 1.56 -19.51
C ASN D 223 -27.29 0.40 -20.03
N SER D 224 -26.09 0.29 -19.47
CA SER D 224 -25.06 -0.67 -19.86
C SER D 224 -25.45 -2.11 -20.21
N ALA D 225 -25.07 -2.50 -21.41
CA ALA D 225 -25.31 -3.84 -21.92
C ALA D 225 -24.05 -4.64 -21.69
N SER D 226 -23.00 -3.94 -21.32
CA SER D 226 -21.71 -4.56 -21.07
C SER D 226 -20.70 -3.47 -20.94
N VAL D 227 -19.76 -3.64 -20.01
CA VAL D 227 -18.70 -2.65 -19.79
C VAL D 227 -18.00 -2.30 -21.13
N GLN D 228 -17.86 -3.30 -21.99
CA GLN D 228 -17.21 -3.14 -23.32
C GLN D 228 -17.96 -2.09 -24.10
N ALA D 229 -19.28 -2.19 -24.02
CA ALA D 229 -20.15 -1.31 -24.76
C ALA D 229 -20.07 0.13 -24.26
N THR D 230 -20.33 0.29 -22.97
CA THR D 230 -20.32 1.59 -22.34
C THR D 230 -19.01 2.32 -22.63
N MET D 231 -17.92 1.55 -22.65
CA MET D 231 -16.58 2.03 -22.88
C MET D 231 -16.46 2.70 -24.22
N TYR D 232 -16.73 1.93 -25.26
CA TYR D 232 -16.64 2.38 -26.63
C TYR D 232 -17.35 3.70 -26.82
N LYS D 233 -18.55 3.80 -26.25
CA LYS D 233 -19.33 5.02 -26.28
C LYS D 233 -18.42 6.14 -25.82
N MET D 234 -17.95 6.08 -24.56
CA MET D 234 -17.00 7.10 -24.01
C MET D 234 -15.87 7.47 -24.99
N ALA D 235 -15.20 6.47 -25.55
CA ALA D 235 -14.12 6.73 -26.48
C ALA D 235 -14.64 7.59 -27.61
N GLU D 236 -15.71 7.11 -28.27
CA GLU D 236 -16.36 7.79 -29.40
C GLU D 236 -16.53 9.30 -29.21
N GLN D 237 -17.27 9.66 -28.18
CA GLN D 237 -17.49 11.07 -27.93
C GLN D 237 -16.19 11.83 -27.80
N ILE D 238 -15.19 11.21 -27.19
CA ILE D 238 -13.89 11.88 -27.00
C ILE D 238 -13.24 12.24 -28.33
N LEU D 239 -13.15 11.27 -29.21
CA LEU D 239 -12.56 11.48 -30.52
C LEU D 239 -13.36 12.51 -31.30
N ALA D 240 -14.68 12.32 -31.35
CA ALA D 240 -15.53 13.27 -32.06
C ALA D 240 -15.28 14.70 -31.55
N ARG D 241 -15.12 14.84 -30.25
CA ARG D 241 -14.88 16.15 -29.64
C ARG D 241 -13.50 16.84 -29.83
N GLN D 242 -12.44 16.07 -30.02
CA GLN D 242 -11.11 16.68 -30.22
C GLN D 242 -10.46 16.13 -31.47
N GLN D 243 -10.24 17.00 -32.45
CA GLN D 243 -9.65 16.57 -33.71
C GLN D 243 -8.24 16.07 -33.51
N LEU D 244 -7.52 16.74 -32.61
CA LEU D 244 -6.12 16.45 -32.33
C LEU D 244 -5.77 15.08 -31.76
N ILE D 245 -6.72 14.44 -31.09
CA ILE D 245 -6.50 13.11 -30.53
C ILE D 245 -6.45 12.08 -31.66
N GLU D 246 -5.46 11.20 -31.65
CA GLU D 246 -5.37 10.18 -32.69
C GLU D 246 -5.95 8.87 -32.16
N THR D 247 -6.08 8.77 -30.84
CA THR D 247 -6.59 7.55 -30.24
C THR D 247 -6.98 7.68 -28.78
N VAL D 248 -8.01 6.94 -28.38
CA VAL D 248 -8.44 6.92 -26.99
C VAL D 248 -8.36 5.51 -26.44
N GLU D 249 -7.84 5.37 -25.25
CA GLU D 249 -7.68 4.05 -24.60
C GLU D 249 -8.33 4.06 -23.22
N TYR D 250 -9.16 3.06 -22.96
CA TYR D 250 -9.84 2.95 -21.67
C TYR D 250 -9.40 1.63 -21.03
N SER D 251 -9.15 1.66 -19.72
CA SER D 251 -8.78 0.45 -18.98
C SER D 251 -9.67 0.42 -17.76
N LEU D 252 -10.60 -0.55 -17.75
CA LEU D 252 -11.61 -0.63 -16.72
C LEU D 252 -11.59 -1.90 -15.94
N PRO D 253 -11.28 -1.78 -14.67
CA PRO D 253 -11.29 -2.95 -13.81
C PRO D 253 -12.64 -3.00 -13.15
N ASN D 254 -13.54 -3.83 -13.66
CA ASN D 254 -14.85 -3.89 -13.04
C ASN D 254 -14.88 -4.67 -11.73
N LYS D 255 -15.20 -3.93 -10.68
CA LYS D 255 -15.20 -4.40 -9.32
C LYS D 255 -16.55 -4.95 -8.88
N HIS D 256 -16.59 -6.26 -8.66
CA HIS D 256 -17.82 -6.97 -8.30
C HIS D 256 -18.38 -6.82 -6.91
N TYR D 257 -19.71 -6.74 -6.87
CA TYR D 257 -20.47 -6.73 -5.63
C TYR D 257 -21.42 -7.92 -5.74
N PHE D 258 -21.22 -8.90 -4.87
CA PHE D 258 -22.01 -10.12 -4.89
C PHE D 258 -23.24 -10.01 -3.96
N GLU D 259 -24.37 -10.59 -4.36
CA GLU D 259 -25.57 -10.60 -3.46
C GLU D 259 -25.30 -11.66 -2.39
N ILE D 260 -25.91 -11.50 -1.24
CA ILE D 260 -25.74 -12.46 -0.18
C ILE D 260 -27.05 -13.16 0.12
N ASP D 261 -27.15 -14.42 -0.28
CA ASP D 261 -28.34 -15.20 0.00
C ASP D 261 -28.45 -15.44 1.52
N LEU D 262 -29.57 -15.01 2.09
CA LEU D 262 -29.80 -15.15 3.53
C LEU D 262 -31.01 -16.02 3.85
N SER D 263 -31.56 -16.66 2.82
CA SER D 263 -32.72 -17.52 2.95
C SER D 263 -32.56 -18.56 4.05
N TRP D 264 -31.31 -18.96 4.31
CA TRP D 264 -30.99 -19.93 5.34
C TRP D 264 -31.22 -19.35 6.73
N HIS D 265 -31.52 -18.06 6.79
CA HIS D 265 -31.79 -17.42 8.08
C HIS D 265 -33.19 -16.83 8.14
N LYS D 266 -34.11 -17.57 8.77
CA LYS D 266 -35.51 -17.16 8.87
C LYS D 266 -36.05 -16.74 7.50
N GLY D 267 -35.68 -17.50 6.48
CA GLY D 267 -36.13 -17.29 5.11
C GLY D 267 -35.92 -15.88 4.58
N LEU D 268 -35.03 -15.13 5.24
CA LEU D 268 -34.71 -13.74 4.84
C LEU D 268 -34.48 -13.58 3.33
N GLN D 269 -35.28 -12.72 2.67
CA GLN D 269 -35.15 -12.50 1.22
C GLN D 269 -34.11 -11.42 0.87
N ASN D 270 -33.00 -11.81 0.25
CA ASN D 270 -31.96 -10.84 -0.08
C ASN D 270 -31.34 -10.87 -1.50
N THR D 271 -31.96 -11.62 -2.41
CA THR D 271 -31.46 -11.67 -3.76
C THR D 271 -32.49 -11.12 -4.75
N GLY D 272 -32.11 -11.12 -6.03
CA GLY D 272 -32.95 -10.60 -7.10
C GLY D 272 -33.54 -9.24 -6.72
N LYS D 273 -34.86 -9.10 -6.93
CA LYS D 273 -35.59 -7.88 -6.63
C LYS D 273 -35.48 -7.42 -5.16
N ASN D 274 -35.27 -8.39 -4.26
CA ASN D 274 -35.16 -8.09 -2.82
C ASN D 274 -33.72 -8.00 -2.33
N ALA D 275 -32.79 -7.69 -3.24
CA ALA D 275 -31.38 -7.59 -2.88
C ALA D 275 -31.08 -6.21 -2.34
N GLU D 276 -30.62 -6.14 -1.10
CA GLU D 276 -30.29 -4.88 -0.47
C GLU D 276 -28.83 -4.87 -0.01
N VAL D 277 -28.46 -5.84 0.83
CA VAL D 277 -27.10 -5.98 1.35
C VAL D 277 -26.25 -6.87 0.41
N PHE D 278 -25.11 -6.34 -0.01
CA PHE D 278 -24.20 -7.07 -0.91
C PHE D 278 -22.87 -7.22 -0.23
N ALA D 279 -21.97 -7.99 -0.83
CA ALA D 279 -20.63 -8.12 -0.29
C ALA D 279 -19.63 -7.77 -1.37
N PRO D 280 -19.00 -6.60 -1.22
CA PRO D 280 -18.02 -6.18 -2.19
C PRO D 280 -16.89 -7.17 -2.15
N GLN D 281 -16.30 -7.37 -3.30
CA GLN D 281 -15.23 -8.33 -3.47
C GLN D 281 -13.95 -7.62 -3.83
N SER D 282 -12.90 -7.85 -3.05
CA SER D 282 -11.57 -7.24 -3.35
C SER D 282 -10.92 -7.95 -4.54
N ASP D 283 -11.27 -9.21 -4.76
CA ASP D 283 -10.73 -9.98 -5.91
C ASP D 283 -11.50 -11.29 -6.13
N PRO D 284 -11.43 -11.83 -7.34
CA PRO D 284 -10.71 -11.21 -8.42
C PRO D 284 -11.49 -10.05 -8.98
N ASN D 285 -11.18 -9.66 -10.20
CA ASN D 285 -11.88 -8.55 -10.81
C ASN D 285 -11.76 -8.67 -12.28
N GLY D 286 -12.81 -8.29 -13.00
CA GLY D 286 -12.80 -8.38 -14.44
C GLY D 286 -11.94 -7.24 -14.87
N LEU D 287 -11.37 -7.35 -16.04
CA LEU D 287 -10.51 -6.31 -16.52
C LEU D 287 -10.74 -6.17 -18.01
N ILE D 288 -11.33 -5.04 -18.36
CA ILE D 288 -11.72 -4.73 -19.72
C ILE D 288 -10.96 -3.53 -20.25
N LYS D 289 -10.50 -3.63 -21.48
CA LYS D 289 -9.78 -2.53 -22.06
C LYS D 289 -9.84 -2.54 -23.58
N CYS D 290 -9.70 -1.37 -24.18
CA CYS D 290 -9.69 -1.27 -25.61
C CYS D 290 -9.21 0.04 -26.10
N THR D 291 -8.62 0.02 -27.27
CA THR D 291 -8.11 1.20 -27.89
C THR D 291 -8.95 1.57 -29.13
N VAL D 292 -9.62 2.70 -29.06
CA VAL D 292 -10.40 3.17 -30.17
C VAL D 292 -9.64 4.27 -30.94
N GLY D 293 -9.35 4.01 -32.22
CA GLY D 293 -8.67 4.98 -33.10
C GLY D 293 -9.70 5.58 -34.11
N ARG D 294 -9.23 6.31 -35.10
CA ARG D 294 -10.14 6.87 -36.09
C ARG D 294 -10.14 6.11 -37.42
N SER D 295 -11.29 6.13 -38.10
CA SER D 295 -11.47 5.44 -39.37
C SER D 295 -10.59 6.03 -40.47
#